data_5DO0
#
_entry.id   5DO0
#
_cell.length_a   98.498
_cell.length_b   62.466
_cell.length_c   107.853
_cell.angle_alpha   90.000
_cell.angle_beta   100.780
_cell.angle_gamma   90.000
#
_symmetry.space_group_name_H-M   'P 1 21 1'
#
loop_
_entity.id
_entity.type
_entity.pdbx_description
1 polymer 'protein lysine methyltransferase 1'
2 water water
#
_entity_poly.entity_id   1
_entity_poly.type   'polypeptide(L)'
_entity_poly.pdbx_seq_one_letter_code
;GMSLKSTTSSLTTNNHDKTINSVQSLVNGTGTVADHNPYDEVPYESYPYAITNPYHLSTLATLFGINAPEVENSKILELG
CAAGGNLIPHAVLYPNAHFVGVDLSKVQIDEANKNVRALGLKNIEFHHCSITDIDDSFGKFDYIICHGVISWVPKIVRDK
IFKVCNRNLSTNGIAYISYNTLPGWNMVRTIRDMMLYHSSSFTNIRDRIAQSRLLLEFVKDSLEHSKTPYAEVLKTEAGL
LAKQTDHYLRHDHLEEENAQFYFHEFMNEARKHNLQYLADCNISTMYLGNMPPKVVEQLKAVNDIVRTEQYMDFITNRRF
RTTLLCHNDLKINRNINNDDIKKFNIIFNVIPEKPLKEVDLNNATENLQFFLNGNKESNLSTTSPYMKAILYTFSENLNN
PLSFKQVTSEANTKLNNTKLNEIKNELLNNAMKLVLQGYISITNQKHRSKPVLDKPKTTQMVIYQAKYTPSMWVTNLKHE
PIGVNFFEKFALRYMDGRNDKKAIIEAILGHVEKGELTLSREGQKIENKEEIRKELESLFTPMIEKFCSNALLV
;
_entity_poly.pdbx_strand_id   B,A
#
# COMPACT_ATOMS: atom_id res chain seq x y z
N TYR A 44 -17.05 24.58 -7.65
CA TYR A 44 -18.37 25.18 -7.54
C TYR A 44 -18.71 25.57 -6.09
N GLU A 45 -18.71 24.58 -5.20
CA GLU A 45 -19.03 24.78 -3.79
C GLU A 45 -17.77 25.24 -3.05
N SER A 46 -17.83 26.41 -2.44
CA SER A 46 -16.68 26.99 -1.72
C SER A 46 -16.91 26.84 -0.22
N TYR A 47 -16.19 25.90 0.40
CA TYR A 47 -16.31 25.54 1.81
C TYR A 47 -15.35 26.33 2.68
N PRO A 48 -15.74 26.59 3.93
CA PRO A 48 -14.76 26.94 4.95
C PRO A 48 -14.05 25.70 5.46
N TYR A 49 -12.80 25.89 5.85
CA TYR A 49 -12.02 24.81 6.46
C TYR A 49 -11.63 25.25 7.86
N ALA A 50 -12.23 24.62 8.87
CA ALA A 50 -12.02 25.03 10.26
C ALA A 50 -10.58 24.88 10.68
N ILE A 51 -9.86 23.93 10.07
CA ILE A 51 -8.46 23.70 10.42
C ILE A 51 -7.58 24.86 9.96
N THR A 52 -8.09 25.68 9.06
CA THR A 52 -7.36 26.81 8.51
C THR A 52 -7.65 28.12 9.24
N ASN A 53 -8.56 28.09 10.21
CA ASN A 53 -8.96 29.27 10.97
C ASN A 53 -7.74 29.96 11.58
N PRO A 54 -7.55 31.25 11.35
CA PRO A 54 -6.38 31.93 11.92
C PRO A 54 -6.30 31.86 13.43
N TYR A 55 -7.44 31.77 14.13
CA TYR A 55 -7.36 31.59 15.57
C TYR A 55 -6.77 30.24 15.95
N HIS A 56 -6.97 29.21 15.10
CA HIS A 56 -6.37 27.91 15.36
C HIS A 56 -4.86 27.96 15.17
N LEU A 57 -4.41 28.62 14.10
CA LEU A 57 -2.98 28.82 13.92
C LEU A 57 -2.40 29.62 15.08
N SER A 58 -3.10 30.65 15.53
CA SER A 58 -2.62 31.41 16.68
C SER A 58 -2.50 30.53 17.91
N THR A 59 -3.48 29.65 18.11
CA THR A 59 -3.44 28.74 19.26
C THR A 59 -2.22 27.84 19.18
N LEU A 60 -1.97 27.23 18.01
CA LEU A 60 -0.81 26.36 17.91
C LEU A 60 0.50 27.14 18.05
N ALA A 61 0.51 28.42 17.65
CA ALA A 61 1.70 29.24 17.87
C ALA A 61 1.93 29.48 19.35
N THR A 62 0.87 29.82 20.09
CA THR A 62 1.01 30.00 21.54
C THR A 62 1.45 28.71 22.21
N LEU A 63 0.96 27.56 21.74
CA LEU A 63 1.34 26.30 22.37
C LEU A 63 2.83 26.06 22.29
N PHE A 64 3.45 26.42 21.15
CA PHE A 64 4.88 26.24 20.95
C PHE A 64 5.70 27.48 21.27
N GLY A 65 5.08 28.51 21.84
CA GLY A 65 5.82 29.60 22.42
C GLY A 65 5.96 30.85 21.58
N ILE A 66 5.28 30.93 20.45
CA ILE A 66 5.28 32.12 19.61
C ILE A 66 4.04 32.94 19.94
N ASN A 67 4.20 34.25 20.03
CA ASN A 67 3.04 35.13 20.17
C ASN A 67 2.62 35.56 18.78
N ALA A 68 1.52 35.00 18.30
CA ALA A 68 1.05 35.28 16.97
C ALA A 68 0.28 36.58 16.97
N PRO A 69 0.27 37.31 15.86
CA PRO A 69 -0.44 38.59 15.82
C PRO A 69 -1.91 38.41 16.14
N GLU A 70 -2.49 39.47 16.71
CA GLU A 70 -3.90 39.43 17.08
C GLU A 70 -4.76 39.17 15.84
N VAL A 71 -5.79 38.34 16.01
CA VAL A 71 -6.58 37.95 14.84
C VAL A 71 -7.48 39.09 14.37
N GLU A 72 -8.11 39.81 15.30
CA GLU A 72 -9.08 40.84 14.89
C GLU A 72 -8.42 42.08 14.33
N ASN A 73 -7.11 42.24 14.53
CA ASN A 73 -6.32 43.34 13.97
C ASN A 73 -5.54 42.97 12.72
N SER A 74 -5.62 41.70 12.29
CA SER A 74 -4.58 41.16 11.43
C SER A 74 -4.83 41.48 9.96
N LYS A 75 -3.87 41.11 9.13
CA LYS A 75 -3.99 41.11 7.69
C LYS A 75 -3.79 39.67 7.21
N ILE A 76 -4.80 39.10 6.58
CA ILE A 76 -4.79 37.68 6.24
C ILE A 76 -4.84 37.50 4.72
N LEU A 77 -3.93 36.68 4.21
CA LEU A 77 -3.83 36.33 2.79
C LEU A 77 -4.31 34.90 2.58
N GLU A 78 -4.95 34.64 1.44
CA GLU A 78 -5.29 33.26 1.06
C GLU A 78 -4.92 33.04 -0.40
N LEU A 79 -4.12 32.01 -0.65
CA LEU A 79 -3.76 31.61 -1.99
C LEU A 79 -4.74 30.55 -2.46
N GLY A 80 -5.30 30.72 -3.65
CA GLY A 80 -6.36 29.84 -4.10
C GLY A 80 -7.62 30.02 -3.28
N CYS A 81 -8.13 31.24 -3.20
CA CYS A 81 -9.28 31.54 -2.35
C CYS A 81 -10.56 30.87 -2.85
N ALA A 82 -10.76 30.85 -4.17
CA ALA A 82 -11.83 30.07 -4.80
C ALA A 82 -13.21 30.43 -4.23
N ALA A 83 -13.68 31.63 -4.60
CA ALA A 83 -15.00 32.19 -4.29
C ALA A 83 -15.10 32.68 -2.85
N GLY A 84 -14.08 32.50 -2.02
CA GLY A 84 -14.01 33.19 -0.75
C GLY A 84 -14.75 32.56 0.41
N GLY A 85 -15.30 31.37 0.25
CA GLY A 85 -15.96 30.71 1.36
C GLY A 85 -15.07 30.46 2.56
N ASN A 86 -13.76 30.43 2.34
CA ASN A 86 -12.79 30.22 3.42
C ASN A 86 -12.29 31.53 4.03
N LEU A 87 -12.69 32.67 3.47
CA LEU A 87 -12.16 33.98 3.83
C LEU A 87 -13.26 34.92 4.30
N ILE A 88 -14.28 35.14 3.48
CA ILE A 88 -15.44 35.98 3.76
C ILE A 88 -15.99 35.84 5.17
N PRO A 89 -16.17 34.62 5.73
CA PRO A 89 -16.67 34.53 7.12
C PRO A 89 -15.81 35.26 8.12
N HIS A 90 -14.49 35.13 8.00
CA HIS A 90 -13.59 35.90 8.85
C HIS A 90 -13.79 37.39 8.65
N ALA A 91 -13.89 37.83 7.40
CA ALA A 91 -14.13 39.25 7.12
C ALA A 91 -15.41 39.75 7.78
N VAL A 92 -16.43 38.90 7.86
CA VAL A 92 -17.65 39.25 8.57
C VAL A 92 -17.37 39.35 10.07
N LEU A 93 -16.54 38.45 10.59
CA LEU A 93 -16.30 38.42 12.04
C LEU A 93 -15.36 39.52 12.52
N TYR A 94 -14.48 40.04 11.67
CA TYR A 94 -13.41 40.95 12.11
C TYR A 94 -13.38 42.22 11.27
N PRO A 95 -14.19 43.22 11.61
CA PRO A 95 -14.24 44.44 10.80
C PRO A 95 -12.93 45.22 10.82
N ASN A 96 -12.13 45.08 11.87
CA ASN A 96 -10.90 45.86 12.02
C ASN A 96 -9.69 45.11 11.47
N ALA A 97 -9.91 43.96 10.85
CA ALA A 97 -8.87 43.18 10.18
C ALA A 97 -9.09 43.25 8.68
N HIS A 98 -8.00 43.08 7.93
CA HIS A 98 -8.05 43.15 6.47
C HIS A 98 -7.78 41.79 5.85
N PHE A 99 -8.50 41.50 4.77
CA PHE A 99 -8.44 40.19 4.12
C PHE A 99 -8.19 40.38 2.63
N VAL A 100 -7.25 39.58 2.10
CA VAL A 100 -6.95 39.53 0.68
C VAL A 100 -7.03 38.07 0.25
N GLY A 101 -7.50 37.85 -0.97
CA GLY A 101 -7.52 36.51 -1.51
C GLY A 101 -7.25 36.53 -3.00
N VAL A 102 -6.75 35.41 -3.51
CA VAL A 102 -6.14 35.35 -4.82
C VAL A 102 -6.54 34.04 -5.48
N ASP A 103 -7.04 34.11 -6.71
CA ASP A 103 -7.35 32.89 -7.42
C ASP A 103 -7.25 33.12 -8.92
N LEU A 104 -6.99 32.03 -9.65
CA LEU A 104 -6.85 32.09 -11.09
C LEU A 104 -8.17 32.03 -11.83
N SER A 105 -9.30 31.81 -11.15
CA SER A 105 -10.58 31.61 -11.80
C SER A 105 -11.41 32.89 -11.74
N LYS A 106 -11.67 33.47 -12.92
CA LYS A 106 -12.46 34.69 -12.96
C LYS A 106 -13.89 34.44 -12.46
N VAL A 107 -14.43 33.25 -12.74
CA VAL A 107 -15.78 32.93 -12.28
C VAL A 107 -15.84 32.97 -10.75
N GLN A 108 -14.90 32.29 -10.10
CA GLN A 108 -14.90 32.23 -8.64
C GLN A 108 -14.63 33.60 -8.03
N ILE A 109 -13.78 34.41 -8.66
CA ILE A 109 -13.50 35.74 -8.12
C ILE A 109 -14.70 36.65 -8.27
N ASP A 110 -15.43 36.53 -9.39
CA ASP A 110 -16.67 37.29 -9.55
C ASP A 110 -17.70 36.85 -8.53
N GLU A 111 -17.78 35.55 -8.24
CA GLU A 111 -18.69 35.07 -7.20
C GLU A 111 -18.30 35.65 -5.84
N ALA A 112 -17.01 35.65 -5.52
CA ALA A 112 -16.54 36.20 -4.25
C ALA A 112 -16.87 37.69 -4.13
N ASN A 113 -16.60 38.45 -5.19
CA ASN A 113 -16.93 39.87 -5.17
C ASN A 113 -18.44 40.08 -5.02
N LYS A 114 -19.24 39.21 -5.63
CA LYS A 114 -20.68 39.31 -5.48
C LYS A 114 -21.11 39.07 -4.03
N ASN A 115 -20.49 38.09 -3.36
CA ASN A 115 -20.82 37.84 -1.96
C ASN A 115 -20.37 39.00 -1.06
N VAL A 116 -19.20 39.58 -1.34
CA VAL A 116 -18.73 40.72 -0.55
C VAL A 116 -19.64 41.91 -0.75
N ARG A 117 -20.08 42.15 -1.98
CA ARG A 117 -20.97 43.28 -2.24
C ARG A 117 -22.31 43.06 -1.56
N ALA A 118 -22.88 41.85 -1.71
CA ALA A 118 -24.14 41.55 -1.06
C ALA A 118 -24.03 41.68 0.45
N LEU A 119 -22.89 41.33 1.02
CA LEU A 119 -22.68 41.44 2.46
C LEU A 119 -22.27 42.83 2.90
N GLY A 120 -21.90 43.71 1.97
CA GLY A 120 -21.45 45.04 2.35
C GLY A 120 -20.13 45.07 3.08
N LEU A 121 -19.27 44.07 2.87
CA LEU A 121 -17.97 44.05 3.53
C LEU A 121 -17.03 45.08 2.91
N LYS A 122 -16.45 45.93 3.74
CA LYS A 122 -15.47 46.90 3.26
C LYS A 122 -14.02 46.49 3.51
N ASN A 123 -13.77 45.40 4.23
CA ASN A 123 -12.42 45.05 4.70
C ASN A 123 -11.71 43.97 3.88
N ILE A 124 -12.28 43.51 2.77
CA ILE A 124 -11.73 42.37 2.05
C ILE A 124 -11.66 42.66 0.56
N GLU A 125 -10.64 42.12 -0.10
CA GLU A 125 -10.51 42.25 -1.54
C GLU A 125 -10.04 40.94 -2.16
N PHE A 126 -10.49 40.69 -3.38
CA PHE A 126 -10.18 39.49 -4.14
C PHE A 126 -9.51 39.85 -5.45
N HIS A 127 -8.53 39.06 -5.84
CA HIS A 127 -7.72 39.32 -7.02
C HIS A 127 -7.75 38.12 -7.95
N HIS A 128 -8.02 38.36 -9.22
CA HIS A 128 -7.88 37.36 -10.26
C HIS A 128 -6.49 37.52 -10.85
N CYS A 129 -5.60 36.58 -10.50
CA CYS A 129 -4.21 36.62 -10.94
C CYS A 129 -3.59 35.29 -10.53
N SER A 130 -2.33 35.09 -10.91
CA SER A 130 -1.62 33.92 -10.43
C SER A 130 -0.82 34.29 -9.19
N ILE A 131 -0.21 33.28 -8.57
CA ILE A 131 0.57 33.55 -7.36
C ILE A 131 1.87 34.28 -7.71
N THR A 132 2.37 34.09 -8.94
CA THR A 132 3.58 34.77 -9.38
C THR A 132 3.40 36.27 -9.54
N ASP A 133 2.16 36.75 -9.56
CA ASP A 133 1.87 38.18 -9.63
C ASP A 133 1.96 38.87 -8.27
N ILE A 134 2.04 38.10 -7.18
CA ILE A 134 2.12 38.69 -5.84
C ILE A 134 3.45 39.42 -5.68
N ASP A 135 3.38 40.60 -5.05
CA ASP A 135 4.44 41.58 -5.03
C ASP A 135 4.77 41.96 -3.60
N ASP A 136 5.91 42.64 -3.41
CA ASP A 136 6.11 43.38 -2.17
C ASP A 136 5.09 44.49 -2.00
N SER A 137 4.49 44.97 -3.09
CA SER A 137 3.41 45.95 -2.98
C SER A 137 2.16 45.36 -2.32
N PHE A 138 2.06 44.04 -2.22
CA PHE A 138 0.97 43.44 -1.45
C PHE A 138 1.17 43.61 0.05
N GLY A 139 2.40 43.82 0.48
CA GLY A 139 2.68 43.99 1.88
C GLY A 139 2.90 42.68 2.60
N LYS A 140 2.94 42.79 3.91
CA LYS A 140 3.16 41.65 4.78
C LYS A 140 1.86 41.25 5.46
N PHE A 141 1.72 39.94 5.70
CA PHE A 141 0.51 39.38 6.26
C PHE A 141 0.85 38.59 7.52
N ASP A 142 -0.08 38.62 8.47
CA ASP A 142 0.09 37.90 9.73
C ASP A 142 -0.29 36.43 9.61
N TYR A 143 -1.15 36.09 8.66
CA TYR A 143 -1.50 34.71 8.41
C TYR A 143 -1.65 34.53 6.91
N ILE A 144 -0.99 33.51 6.36
CA ILE A 144 -1.08 33.21 4.92
C ILE A 144 -1.58 31.79 4.79
N ILE A 145 -2.80 31.62 4.27
CA ILE A 145 -3.42 30.30 4.15
C ILE A 145 -3.27 29.83 2.72
N CYS A 146 -2.67 28.66 2.56
CA CYS A 146 -2.55 27.97 1.28
C CYS A 146 -3.00 26.52 1.49
N HIS A 147 -4.17 26.19 0.95
CA HIS A 147 -4.85 24.94 1.25
C HIS A 147 -5.11 24.17 -0.03
N GLY A 148 -4.46 23.02 -0.17
CA GLY A 148 -4.73 22.13 -1.28
C GLY A 148 -4.34 22.64 -2.66
N VAL A 149 -3.36 23.54 -2.73
CA VAL A 149 -2.93 24.15 -4.00
C VAL A 149 -1.52 23.69 -4.37
N ILE A 150 -0.56 23.84 -3.45
CA ILE A 150 0.87 23.68 -3.78
C ILE A 150 1.19 22.35 -4.45
N SER A 151 0.40 21.30 -4.20
CA SER A 151 0.70 20.01 -4.82
C SER A 151 0.35 19.99 -6.30
N TRP A 152 -0.61 20.82 -6.71
CA TRP A 152 -1.15 20.80 -8.06
C TRP A 152 -0.54 21.87 -8.97
N VAL A 153 0.46 22.60 -8.51
CA VAL A 153 1.04 23.68 -9.31
C VAL A 153 2.48 23.35 -9.69
N PRO A 154 3.00 23.93 -10.78
CA PRO A 154 4.37 23.63 -11.20
C PRO A 154 5.41 24.14 -10.21
N LYS A 155 6.65 23.66 -10.40
CA LYS A 155 7.74 24.00 -9.51
C LYS A 155 7.96 25.50 -9.39
N ILE A 156 7.75 26.25 -10.46
CA ILE A 156 7.91 27.70 -10.41
C ILE A 156 6.89 28.33 -9.47
N VAL A 157 5.63 27.88 -9.53
CA VAL A 157 4.61 28.43 -8.65
C VAL A 157 4.81 27.94 -7.21
N ARG A 158 5.37 26.75 -7.01
CA ARG A 158 5.68 26.32 -5.65
C ARG A 158 6.81 27.14 -5.06
N ASP A 159 7.85 27.41 -5.85
CA ASP A 159 8.90 28.35 -5.46
C ASP A 159 8.29 29.68 -5.07
N LYS A 160 7.37 30.19 -5.88
CA LYS A 160 6.72 31.45 -5.53
C LYS A 160 5.98 31.34 -4.21
N ILE A 161 5.22 30.26 -4.01
CA ILE A 161 4.47 30.11 -2.76
C ILE A 161 5.42 30.17 -1.56
N PHE A 162 6.52 29.42 -1.62
CA PHE A 162 7.48 29.48 -0.51
C PHE A 162 8.08 30.87 -0.37
N LYS A 163 8.23 31.60 -1.48
CA LYS A 163 8.87 32.91 -1.42
C LYS A 163 7.93 33.99 -0.88
N VAL A 164 6.62 33.87 -1.11
CA VAL A 164 5.73 34.85 -0.49
C VAL A 164 5.44 34.46 0.95
N CYS A 165 5.47 33.18 1.28
CA CYS A 165 5.28 32.82 2.69
C CYS A 165 6.44 33.30 3.56
N ASN A 166 7.52 33.76 2.94
CA ASN A 166 8.65 34.38 3.63
C ASN A 166 8.65 35.89 3.45
N ARG A 167 8.75 36.35 2.20
CA ARG A 167 8.84 37.77 1.90
C ARG A 167 7.60 38.53 2.39
N ASN A 168 6.42 37.97 2.17
CA ASN A 168 5.15 38.63 2.47
C ASN A 168 4.60 38.30 3.85
N LEU A 169 5.37 37.60 4.69
CA LEU A 169 4.91 37.21 6.02
C LEU A 169 5.52 38.09 7.09
N SER A 170 4.71 38.42 8.11
CA SER A 170 5.14 39.22 9.25
C SER A 170 6.15 38.46 10.11
N THR A 171 6.86 39.21 10.96
CA THR A 171 7.87 38.61 11.83
C THR A 171 7.28 37.49 12.69
N ASN A 172 6.13 37.73 13.30
CA ASN A 172 5.46 36.70 14.10
C ASN A 172 4.40 35.93 13.32
N GLY A 173 4.25 36.19 12.03
CA GLY A 173 3.18 35.59 11.26
C GLY A 173 3.32 34.07 11.11
N ILE A 174 2.20 33.46 10.74
CA ILE A 174 2.09 32.02 10.53
C ILE A 174 1.64 31.76 9.10
N ALA A 175 2.28 30.79 8.45
CA ALA A 175 1.92 30.37 7.11
C ALA A 175 1.42 28.93 7.15
N TYR A 176 0.25 28.70 6.57
CA TYR A 176 -0.38 27.38 6.48
C TYR A 176 -0.23 26.88 5.06
N ILE A 177 0.28 25.66 4.89
CA ILE A 177 0.37 25.03 3.58
C ILE A 177 -0.03 23.57 3.73
N SER A 178 -1.03 23.12 2.99
CA SER A 178 -1.46 21.73 3.02
C SER A 178 -1.13 21.04 1.70
N TYR A 179 -0.71 19.78 1.77
CA TYR A 179 -0.21 19.10 0.59
C TYR A 179 -0.32 17.60 0.76
N ASN A 180 -0.36 16.89 -0.37
CA ASN A 180 -0.34 15.44 -0.34
C ASN A 180 1.08 14.94 -0.14
N THR A 181 1.20 13.80 0.55
CA THR A 181 2.50 13.26 0.93
C THR A 181 2.61 11.78 0.57
N LEU A 182 3.83 11.36 0.28
CA LEU A 182 4.17 9.95 0.15
C LEU A 182 4.51 9.40 1.53
N PRO A 183 4.35 8.08 1.73
CA PRO A 183 3.85 7.01 0.86
C PRO A 183 2.33 7.04 0.62
N GLY A 184 1.60 7.75 1.47
CA GLY A 184 0.16 7.60 1.51
C GLY A 184 -0.54 7.92 0.20
N TRP A 185 0.07 8.76 -0.64
CA TRP A 185 -0.59 9.14 -1.89
C TRP A 185 -0.42 8.08 -2.98
N ASN A 186 0.37 7.04 -2.74
CA ASN A 186 0.63 6.03 -3.76
C ASN A 186 -0.65 5.36 -4.24
N MET A 187 -1.53 5.00 -3.31
CA MET A 187 -2.78 4.33 -3.68
C MET A 187 -3.66 5.23 -4.54
N VAL A 188 -3.77 6.51 -4.18
CA VAL A 188 -4.56 7.45 -4.98
C VAL A 188 -4.00 7.56 -6.39
N ARG A 189 -2.68 7.73 -6.51
CA ARG A 189 -2.07 7.79 -7.83
C ARG A 189 -2.32 6.52 -8.61
N THR A 190 -2.26 5.35 -7.95
CA THR A 190 -2.54 4.09 -8.62
C THR A 190 -3.95 4.09 -9.19
N ILE A 191 -4.93 4.49 -8.38
CA ILE A 191 -6.31 4.48 -8.86
C ILE A 191 -6.48 5.47 -10.01
N ARG A 192 -5.80 6.62 -9.94
CA ARG A 192 -5.94 7.60 -11.00
C ARG A 192 -5.36 7.08 -12.31
N ASP A 193 -4.14 6.53 -12.28
CA ASP A 193 -3.58 5.88 -13.46
C ASP A 193 -4.49 4.77 -13.96
N MET A 194 -5.19 4.09 -13.05
CA MET A 194 -6.05 2.98 -13.41
C MET A 194 -7.31 3.44 -14.13
N MET A 195 -7.89 4.57 -13.70
CA MET A 195 -9.06 5.10 -14.39
C MET A 195 -8.66 5.72 -15.73
N LEU A 196 -7.51 6.41 -15.77
CA LEU A 196 -7.05 7.00 -17.02
C LEU A 196 -6.73 5.93 -18.06
N TYR A 197 -6.06 4.85 -17.64
CA TYR A 197 -5.75 3.79 -18.59
C TYR A 197 -7.01 3.13 -19.13
N HIS A 198 -8.00 2.91 -18.25
CA HIS A 198 -9.23 2.28 -18.70
C HIS A 198 -10.03 3.17 -19.61
N SER A 199 -9.96 4.49 -19.42
CA SER A 199 -10.74 5.44 -20.21
C SER A 199 -9.98 5.98 -21.41
N SER A 200 -8.72 5.59 -21.60
CA SER A 200 -7.92 6.09 -22.72
C SER A 200 -8.46 5.64 -24.07
N SER A 201 -9.45 4.74 -24.09
CA SER A 201 -10.10 4.33 -25.33
C SER A 201 -11.02 5.40 -25.90
N PHE A 202 -11.69 6.17 -25.03
CA PHE A 202 -12.71 7.12 -25.44
C PHE A 202 -12.16 8.54 -25.41
N THR A 203 -12.42 9.32 -26.47
CA THR A 203 -11.82 10.65 -26.60
C THR A 203 -12.67 11.80 -26.06
N ASN A 204 -13.96 11.63 -25.83
CA ASN A 204 -14.85 12.74 -25.46
C ASN A 204 -15.04 12.69 -23.95
N ILE A 205 -14.79 13.83 -23.29
CA ILE A 205 -14.75 13.93 -21.82
C ILE A 205 -16.06 13.48 -21.17
N ARG A 206 -17.18 13.61 -21.88
CA ARG A 206 -18.49 13.30 -21.31
C ARG A 206 -18.57 11.84 -20.86
N ASP A 207 -18.17 10.91 -21.72
CA ASP A 207 -18.31 9.48 -21.43
C ASP A 207 -17.18 8.95 -20.56
N ARG A 208 -16.01 9.60 -20.61
CA ARG A 208 -14.83 9.12 -19.88
C ARG A 208 -15.06 9.10 -18.36
N ILE A 209 -15.85 10.06 -17.86
CA ILE A 209 -16.20 10.06 -16.44
C ILE A 209 -16.87 8.74 -16.10
N ALA A 210 -17.89 8.36 -16.85
CA ALA A 210 -18.44 7.02 -16.71
C ALA A 210 -18.72 6.37 -18.07
N GLN A 211 -17.99 5.33 -18.45
CA GLN A 211 -16.63 4.91 -18.05
C GLN A 211 -16.17 4.82 -16.58
N SER A 212 -15.28 5.74 -16.16
CA SER A 212 -14.50 5.53 -14.94
C SER A 212 -15.35 5.14 -13.73
N ARG A 213 -16.63 5.55 -13.70
CA ARG A 213 -17.53 5.03 -12.66
C ARG A 213 -17.73 3.53 -12.82
N LEU A 214 -17.96 3.07 -14.07
CA LEU A 214 -17.98 1.63 -14.33
C LEU A 214 -16.68 0.98 -13.86
N LEU A 215 -15.55 1.67 -14.06
CA LEU A 215 -14.28 1.13 -13.60
C LEU A 215 -14.29 0.91 -12.08
N LEU A 216 -14.58 1.96 -11.31
CA LEU A 216 -14.58 1.85 -9.85
C LEU A 216 -15.59 0.80 -9.36
N GLU A 217 -16.73 0.67 -10.04
CA GLU A 217 -17.69 -0.35 -9.65
C GLU A 217 -17.25 -1.76 -10.06
N PHE A 218 -16.39 -1.91 -11.07
CA PHE A 218 -15.80 -3.22 -11.33
C PHE A 218 -14.77 -3.56 -10.27
N VAL A 219 -14.02 -2.55 -9.80
CA VAL A 219 -13.15 -2.78 -8.64
C VAL A 219 -13.97 -3.17 -7.43
N LYS A 220 -15.18 -2.61 -7.29
CA LYS A 220 -16.07 -3.04 -6.21
C LYS A 220 -16.51 -4.48 -6.40
N ASP A 221 -16.97 -4.84 -7.60
CA ASP A 221 -17.56 -6.15 -7.83
C ASP A 221 -16.53 -7.27 -7.70
N SER A 222 -15.40 -7.14 -8.38
CA SER A 222 -14.43 -8.23 -8.45
C SER A 222 -13.78 -8.54 -7.11
N LEU A 223 -13.76 -7.59 -6.19
CA LEU A 223 -13.22 -7.78 -4.85
C LEU A 223 -14.27 -8.13 -3.81
N GLU A 224 -15.54 -8.35 -4.22
CA GLU A 224 -16.61 -8.61 -3.26
C GLU A 224 -16.23 -9.72 -2.28
N HIS A 225 -15.57 -10.76 -2.78
CA HIS A 225 -14.93 -11.75 -1.91
C HIS A 225 -13.42 -11.66 -2.14
N SER A 226 -12.71 -11.06 -1.20
CA SER A 226 -11.26 -11.20 -1.12
C SER A 226 -10.80 -10.98 0.32
N LYS A 227 -9.85 -11.79 0.77
CA LYS A 227 -9.37 -11.71 2.16
C LYS A 227 -8.11 -10.86 2.33
N THR A 228 -7.44 -10.46 1.24
CA THR A 228 -6.15 -9.81 1.39
C THR A 228 -6.34 -8.37 1.87
N PRO A 229 -5.41 -7.86 2.69
CA PRO A 229 -5.51 -6.46 3.14
C PRO A 229 -5.54 -5.48 1.98
N TYR A 230 -4.85 -5.80 0.89
CA TYR A 230 -4.83 -4.91 -0.26
C TYR A 230 -6.22 -4.77 -0.88
N ALA A 231 -6.98 -5.87 -0.95
CA ALA A 231 -8.34 -5.78 -1.47
C ALA A 231 -9.18 -4.83 -0.63
N GLU A 232 -9.01 -4.87 0.69
CA GLU A 232 -9.75 -3.94 1.55
C GLU A 232 -9.34 -2.50 1.28
N VAL A 233 -8.03 -2.21 1.28
CA VAL A 233 -7.57 -0.84 1.06
C VAL A 233 -8.09 -0.29 -0.26
N LEU A 234 -7.92 -1.06 -1.35
CA LEU A 234 -8.39 -0.63 -2.66
C LEU A 234 -9.90 -0.49 -2.70
N LYS A 235 -10.63 -1.38 -2.00
CA LYS A 235 -12.08 -1.28 -1.99
C LYS A 235 -12.54 0.02 -1.34
N THR A 236 -12.03 0.33 -0.14
CA THR A 236 -12.45 1.56 0.52
C THR A 236 -12.03 2.79 -0.29
N GLU A 237 -10.82 2.80 -0.83
CA GLU A 237 -10.36 3.94 -1.61
C GLU A 237 -11.23 4.15 -2.85
N ALA A 238 -11.55 3.06 -3.56
CA ALA A 238 -12.46 3.14 -4.69
C ALA A 238 -13.87 3.53 -4.28
N GLY A 239 -14.26 3.27 -3.03
CA GLY A 239 -15.53 3.77 -2.55
C GLY A 239 -15.52 5.28 -2.38
N LEU A 240 -14.50 5.80 -1.69
CA LEU A 240 -14.32 7.24 -1.57
C LEU A 240 -14.35 7.92 -2.92
N LEU A 241 -13.60 7.38 -3.89
CA LEU A 241 -13.59 7.97 -5.22
C LEU A 241 -14.95 7.83 -5.90
N ALA A 242 -15.64 6.72 -5.66
CA ALA A 242 -16.95 6.54 -6.28
C ALA A 242 -17.96 7.56 -5.77
N LYS A 243 -17.79 8.03 -4.54
CA LYS A 243 -18.74 8.97 -3.95
C LYS A 243 -18.56 10.41 -4.46
N GLN A 244 -17.41 10.76 -5.02
CA GLN A 244 -17.19 12.11 -5.51
C GLN A 244 -18.00 12.37 -6.79
N THR A 245 -18.21 13.65 -7.10
CA THR A 245 -19.05 14.03 -8.23
C THR A 245 -18.23 14.75 -9.32
N ASP A 246 -17.91 14.01 -10.38
CA ASP A 246 -17.80 14.48 -11.76
C ASP A 246 -16.80 15.61 -12.02
N HIS A 247 -16.47 16.41 -11.00
CA HIS A 247 -15.50 17.46 -11.17
C HIS A 247 -14.08 16.95 -11.00
N TYR A 248 -13.86 16.18 -9.93
CA TYR A 248 -12.55 15.58 -9.70
C TYR A 248 -12.33 14.33 -10.53
N LEU A 249 -13.36 13.84 -11.22
CA LEU A 249 -13.26 12.65 -12.05
C LEU A 249 -13.03 12.95 -13.52
N ARG A 250 -12.95 14.23 -13.91
CA ARG A 250 -12.57 14.55 -15.28
C ARG A 250 -11.16 14.06 -15.56
N HIS A 251 -10.92 13.65 -16.82
CA HIS A 251 -9.63 13.06 -17.14
C HIS A 251 -8.51 14.09 -17.23
N ASP A 252 -8.84 15.38 -17.38
CA ASP A 252 -7.80 16.39 -17.27
C ASP A 252 -7.43 16.68 -15.83
N HIS A 253 -8.38 16.54 -14.89
CA HIS A 253 -8.06 16.65 -13.47
C HIS A 253 -7.33 15.40 -12.98
N LEU A 254 -7.60 14.25 -13.58
CA LEU A 254 -6.85 13.04 -13.27
C LEU A 254 -5.48 13.05 -13.92
N GLU A 255 -5.34 13.71 -15.08
CA GLU A 255 -4.03 13.88 -15.70
C GLU A 255 -3.17 14.92 -14.98
N GLU A 256 -3.75 15.71 -14.07
CA GLU A 256 -2.96 16.65 -13.30
C GLU A 256 -1.88 15.92 -12.52
N GLU A 257 -0.70 16.54 -12.43
CA GLU A 257 0.46 15.94 -11.81
C GLU A 257 0.60 16.44 -10.38
N ASN A 258 0.74 15.50 -9.45
CA ASN A 258 0.94 15.84 -8.04
C ASN A 258 2.43 15.93 -7.75
N ALA A 259 2.80 16.90 -6.90
CA ALA A 259 4.21 17.07 -6.54
C ALA A 259 4.75 15.87 -5.77
N GLN A 260 3.89 15.12 -5.08
CA GLN A 260 4.26 13.88 -4.40
C GLN A 260 5.37 14.13 -3.37
N PHE A 261 5.17 15.14 -2.54
CA PHE A 261 6.16 15.48 -1.52
C PHE A 261 6.34 14.34 -0.53
N TYR A 262 7.59 14.04 -0.20
CA TYR A 262 7.90 13.58 1.15
C TYR A 262 7.99 14.81 2.04
N PHE A 263 7.75 14.61 3.34
CA PHE A 263 7.81 15.72 4.26
C PHE A 263 9.20 16.34 4.30
N HIS A 264 10.25 15.52 4.21
CA HIS A 264 11.60 16.07 4.29
C HIS A 264 11.96 16.85 3.03
N GLU A 265 11.33 16.54 1.89
CA GLU A 265 11.54 17.33 0.69
C GLU A 265 10.77 18.64 0.74
N PHE A 266 9.52 18.60 1.22
CA PHE A 266 8.75 19.82 1.44
C PHE A 266 9.51 20.77 2.36
N MET A 267 9.95 20.26 3.52
CA MET A 267 10.74 21.09 4.44
C MET A 267 12.07 21.48 3.84
N ASN A 268 12.62 20.66 2.94
CA ASN A 268 13.84 21.06 2.26
C ASN A 268 13.61 22.30 1.41
N GLU A 269 12.48 22.36 0.70
CA GLU A 269 12.18 23.56 -0.09
C GLU A 269 11.78 24.73 0.81
N ALA A 270 11.15 24.47 1.96
CA ALA A 270 10.75 25.57 2.83
C ALA A 270 11.97 26.20 3.48
N ARG A 271 12.98 25.40 3.81
CA ARG A 271 14.17 25.91 4.47
C ARG A 271 15.01 26.80 3.55
N LYS A 272 14.93 26.62 2.24
CA LYS A 272 15.65 27.50 1.32
C LYS A 272 15.18 28.94 1.44
N HIS A 273 13.89 29.14 1.69
CA HIS A 273 13.30 30.45 1.91
C HIS A 273 13.33 30.84 3.37
N ASN A 274 14.04 30.07 4.21
CA ASN A 274 14.24 30.39 5.62
C ASN A 274 12.92 30.30 6.38
N LEU A 275 12.10 29.32 6.02
CA LEU A 275 10.91 28.97 6.75
C LEU A 275 11.20 27.75 7.61
N GLN A 276 10.67 27.77 8.82
CA GLN A 276 10.90 26.79 9.85
C GLN A 276 9.60 26.05 10.11
N TYR A 277 9.71 24.73 10.34
CA TYR A 277 8.55 23.93 10.67
C TYR A 277 8.05 24.30 12.06
N LEU A 278 6.80 24.71 12.14
CA LEU A 278 6.15 24.95 13.44
C LEU A 278 5.48 23.67 13.91
N ALA A 279 4.41 23.24 13.24
CA ALA A 279 3.67 22.05 13.62
C ALA A 279 2.71 21.67 12.51
N ASP A 280 1.93 20.61 12.75
CA ASP A 280 0.81 20.21 11.92
C ASP A 280 -0.47 20.69 12.59
N CYS A 281 -1.45 21.09 11.78
CA CYS A 281 -2.67 21.64 12.34
C CYS A 281 -3.54 20.59 13.04
N ASN A 282 -3.38 19.31 12.72
CA ASN A 282 -3.92 18.23 13.54
C ASN A 282 -2.81 17.79 14.47
N ILE A 283 -2.94 18.10 15.76
CA ILE A 283 -1.82 17.96 16.68
C ILE A 283 -1.52 16.48 16.93
N SER A 284 -2.55 15.64 16.92
CA SER A 284 -2.39 14.22 17.20
C SER A 284 -1.45 13.54 16.22
N THR A 285 -1.29 14.08 15.00
CA THR A 285 -0.39 13.45 14.06
C THR A 285 1.05 13.50 14.54
N MET A 286 1.38 14.50 15.36
CA MET A 286 2.71 14.63 15.96
C MET A 286 2.86 13.79 17.23
N TYR A 287 1.82 13.08 17.64
CA TYR A 287 1.83 12.40 18.91
C TYR A 287 2.63 11.11 18.83
N LEU A 288 3.61 10.97 19.71
CA LEU A 288 4.31 9.73 19.96
C LEU A 288 3.94 9.28 21.37
N GLY A 289 4.07 7.99 21.65
CA GLY A 289 3.61 7.44 22.89
C GLY A 289 2.36 6.59 22.82
N ASN A 290 1.87 6.29 21.62
CA ASN A 290 1.11 5.07 21.38
C ASN A 290 2.05 3.93 21.02
N MET A 291 3.34 4.17 21.08
CA MET A 291 4.39 3.31 20.58
C MET A 291 5.28 2.84 21.72
N PRO A 292 6.03 1.75 21.54
CA PRO A 292 6.88 1.22 22.62
C PRO A 292 7.78 2.28 23.21
N PRO A 293 7.93 2.31 24.54
CA PRO A 293 8.72 3.36 25.19
C PRO A 293 10.18 3.40 24.77
N LYS A 294 10.72 2.29 24.26
CA LYS A 294 12.07 2.30 23.71
C LYS A 294 12.14 3.07 22.41
N VAL A 295 11.27 2.73 21.45
CA VAL A 295 11.20 3.46 20.19
C VAL A 295 11.01 4.95 20.45
N VAL A 296 10.14 5.28 21.41
CA VAL A 296 9.95 6.68 21.78
C VAL A 296 11.27 7.29 22.22
N GLU A 297 11.97 6.62 23.14
CA GLU A 297 13.25 7.15 23.63
C GLU A 297 14.24 7.38 22.50
N GLN A 298 14.22 6.54 21.46
CA GLN A 298 15.12 6.79 20.34
C GLN A 298 14.64 7.97 19.49
N LEU A 299 13.34 8.11 19.31
CA LEU A 299 12.85 9.26 18.55
C LEU A 299 13.13 10.57 19.27
N LYS A 300 13.17 10.55 20.61
CA LYS A 300 13.60 11.70 21.37
C LYS A 300 15.11 11.88 21.33
N ALA A 301 15.86 10.78 21.18
CA ALA A 301 17.31 10.86 21.08
C ALA A 301 17.75 11.80 19.97
N VAL A 302 17.43 11.45 18.72
CA VAL A 302 17.60 12.38 17.61
C VAL A 302 16.84 13.66 17.91
N ASN A 303 17.51 14.79 17.82
CA ASN A 303 16.78 16.06 17.78
C ASN A 303 16.80 16.54 16.34
N ASP A 304 15.77 16.16 15.60
CA ASP A 304 15.36 16.83 14.37
C ASP A 304 13.87 16.66 14.32
N ILE A 305 13.10 17.75 14.29
CA ILE A 305 11.67 17.52 14.24
C ILE A 305 11.28 16.92 12.91
N VAL A 306 11.94 17.34 11.83
CA VAL A 306 11.58 16.91 10.49
C VAL A 306 11.92 15.44 10.29
N ARG A 307 13.07 14.99 10.80
CA ARG A 307 13.48 13.60 10.63
C ARG A 307 12.51 12.66 11.35
N THR A 308 12.15 13.01 12.59
CA THR A 308 11.18 12.21 13.34
C THR A 308 9.83 12.21 12.64
N GLU A 309 9.37 13.38 12.19
CA GLU A 309 8.12 13.46 11.46
C GLU A 309 8.14 12.58 10.22
N GLN A 310 9.28 12.55 9.52
CA GLN A 310 9.39 11.75 8.30
C GLN A 310 9.34 10.27 8.61
N TYR A 311 10.00 9.83 9.68
CA TYR A 311 9.89 8.44 10.10
C TYR A 311 8.44 8.09 10.41
N MET A 312 7.75 8.97 11.15
CA MET A 312 6.33 8.77 11.42
C MET A 312 5.53 8.63 10.13
N ASP A 313 5.81 9.48 9.14
CA ASP A 313 5.11 9.36 7.87
C ASP A 313 5.37 8.01 7.21
N PHE A 314 6.62 7.53 7.25
CA PHE A 314 6.94 6.24 6.64
C PHE A 314 6.13 5.11 7.28
N ILE A 315 6.10 5.07 8.61
CA ILE A 315 5.49 3.91 9.26
C ILE A 315 3.98 4.05 9.48
N THR A 316 3.41 5.24 9.35
CA THR A 316 1.96 5.41 9.45
C THR A 316 1.26 5.52 8.10
N ASN A 317 2.00 5.52 6.99
CA ASN A 317 1.44 5.68 5.64
C ASN A 317 0.65 6.99 5.54
N ARG A 318 1.39 8.09 5.66
CA ARG A 318 0.80 9.43 5.71
C ARG A 318 0.46 9.90 4.29
N ARG A 319 -0.83 10.13 4.03
CA ARG A 319 -1.25 10.59 2.71
C ARG A 319 -1.33 12.10 2.55
N PHE A 320 -1.38 12.86 3.65
CA PHE A 320 -1.55 14.30 3.50
C PHE A 320 -1.13 15.01 4.79
N ARG A 321 -0.80 16.29 4.65
CA ARG A 321 -0.32 17.10 5.77
C ARG A 321 -0.86 18.52 5.67
N THR A 322 -1.18 19.09 6.83
CA THR A 322 -1.47 20.52 6.96
C THR A 322 -0.37 21.12 7.84
N THR A 323 0.55 21.85 7.23
CA THR A 323 1.80 22.23 7.87
C THR A 323 1.81 23.73 8.15
N LEU A 324 2.23 24.09 9.36
CA LEU A 324 2.44 25.48 9.74
C LEU A 324 3.93 25.80 9.68
N LEU A 325 4.25 26.91 9.05
CA LEU A 325 5.60 27.42 8.86
C LEU A 325 5.68 28.80 9.49
N CYS A 326 6.86 29.12 10.03
CA CYS A 326 7.09 30.47 10.53
C CYS A 326 8.54 30.84 10.25
N HIS A 327 8.86 32.13 10.40
CA HIS A 327 10.21 32.59 10.12
C HIS A 327 11.24 31.81 10.92
N ASN A 328 12.39 31.55 10.29
CA ASN A 328 13.47 30.80 10.92
C ASN A 328 13.99 31.49 12.18
N ASP A 329 13.77 32.79 12.32
CA ASP A 329 14.36 33.57 13.41
C ASP A 329 13.64 33.37 14.74
N LEU A 330 12.43 32.82 14.73
CA LEU A 330 11.68 32.60 15.96
C LEU A 330 12.19 31.36 16.69
N LYS A 331 12.34 31.46 18.01
CA LYS A 331 12.72 30.32 18.83
C LYS A 331 11.45 29.64 19.32
N ILE A 332 11.19 28.42 18.83
CA ILE A 332 10.00 27.67 19.19
C ILE A 332 10.39 26.67 20.28
N ASN A 333 9.53 26.55 21.29
CA ASN A 333 9.81 25.73 22.47
C ASN A 333 8.91 24.50 22.45
N ARG A 334 9.53 23.32 22.36
CA ARG A 334 8.80 22.07 22.22
C ARG A 334 8.57 21.36 23.56
N ASN A 335 8.94 21.99 24.68
CA ASN A 335 8.71 21.38 25.98
C ASN A 335 7.34 21.82 26.47
N ILE A 336 6.41 20.88 26.52
CA ILE A 336 5.01 21.16 26.86
C ILE A 336 4.72 20.49 28.20
N ASN A 337 4.59 21.30 29.24
CA ASN A 337 4.22 20.85 30.57
C ASN A 337 2.72 20.65 30.68
N ASN A 338 2.32 19.81 31.64
CA ASN A 338 0.90 19.65 31.95
C ASN A 338 0.26 20.98 32.28
N ASP A 339 1.03 21.91 32.85
CA ASP A 339 0.49 23.17 33.33
C ASP A 339 0.25 24.18 32.22
N ASP A 340 0.90 23.99 31.06
CA ASP A 340 0.68 24.87 29.91
C ASP A 340 -0.78 24.93 29.49
N ILE A 341 -1.60 23.97 29.94
CA ILE A 341 -3.02 23.97 29.65
C ILE A 341 -3.72 25.19 30.24
N LYS A 342 -3.10 25.86 31.21
CA LYS A 342 -3.69 27.09 31.73
C LYS A 342 -3.58 28.26 30.76
N LYS A 343 -2.80 28.12 29.69
CA LYS A 343 -2.68 29.22 28.73
C LYS A 343 -3.88 29.35 27.80
N PHE A 344 -4.81 28.40 27.83
CA PHE A 344 -5.79 28.28 26.76
C PHE A 344 -7.21 28.16 27.31
N ASN A 345 -8.17 28.48 26.45
CA ASN A 345 -9.56 28.13 26.68
C ASN A 345 -9.82 26.76 26.08
N ILE A 346 -10.67 25.99 26.74
CA ILE A 346 -10.73 24.54 26.55
C ILE A 346 -12.11 24.15 26.05
N ILE A 347 -12.14 23.32 25.01
CA ILE A 347 -13.37 22.74 24.47
C ILE A 347 -13.20 21.23 24.44
N PHE A 348 -14.07 20.52 25.14
CA PHE A 348 -14.13 19.06 25.09
C PHE A 348 -15.57 18.68 24.82
N ASN A 349 -15.85 18.17 23.61
CA ASN A 349 -17.23 17.90 23.23
C ASN A 349 -17.56 16.46 23.60
N VAL A 350 -18.37 16.28 24.64
CA VAL A 350 -18.73 14.97 25.17
C VAL A 350 -20.20 14.99 25.54
N ILE A 351 -20.92 13.95 25.15
CA ILE A 351 -22.30 13.76 25.51
C ILE A 351 -22.37 12.63 26.53
N PRO A 352 -22.70 12.89 27.79
CA PRO A 352 -22.80 11.82 28.77
C PRO A 352 -23.92 10.85 28.38
N GLU A 353 -23.68 9.56 28.67
CA GLU A 353 -24.72 8.55 28.46
C GLU A 353 -25.84 8.74 29.45
N LYS A 354 -25.52 9.06 30.70
CA LYS A 354 -26.49 9.32 31.74
C LYS A 354 -26.57 10.81 32.02
N PRO A 355 -27.76 11.42 32.01
CA PRO A 355 -27.88 12.82 32.38
C PRO A 355 -27.35 13.07 33.79
N LEU A 356 -26.95 14.32 34.03
CA LEU A 356 -26.39 14.70 35.33
C LEU A 356 -27.39 14.45 36.46
N LYS A 357 -28.66 14.82 36.24
CA LYS A 357 -29.67 14.72 37.29
C LYS A 357 -29.93 13.28 37.73
N GLU A 358 -29.48 12.29 36.96
CA GLU A 358 -29.74 10.89 37.26
C GLU A 358 -28.59 10.21 38.00
N VAL A 359 -27.48 10.90 38.25
CA VAL A 359 -26.31 10.28 38.85
C VAL A 359 -25.89 11.06 40.09
N ASP A 360 -25.22 10.36 41.00
CA ASP A 360 -24.53 10.98 42.13
C ASP A 360 -23.04 11.01 41.80
N LEU A 361 -22.51 12.19 41.52
CA LEU A 361 -21.11 12.29 41.14
C LEU A 361 -20.18 11.90 42.28
N ASN A 362 -20.59 12.13 43.53
CA ASN A 362 -19.78 11.76 44.68
C ASN A 362 -19.56 10.25 44.79
N ASN A 363 -20.26 9.45 43.98
CA ASN A 363 -20.05 8.01 43.99
C ASN A 363 -18.72 7.70 43.31
N ALA A 364 -17.80 7.08 44.05
CA ALA A 364 -16.47 6.77 43.54
C ALA A 364 -16.37 5.38 42.94
N THR A 365 -17.38 4.53 43.11
CA THR A 365 -17.38 3.20 42.51
C THR A 365 -18.20 3.09 41.24
N GLU A 366 -18.90 4.14 40.81
CA GLU A 366 -19.77 4.05 39.65
C GLU A 366 -19.04 4.50 38.39
N ASN A 367 -19.10 3.67 37.35
CA ASN A 367 -18.42 3.97 36.09
C ASN A 367 -19.40 4.66 35.15
N LEU A 368 -19.16 5.94 34.86
CA LEU A 368 -19.99 6.68 33.92
C LEU A 368 -19.22 6.88 32.63
N GLN A 369 -19.91 6.77 31.50
CA GLN A 369 -19.28 6.90 30.20
C GLN A 369 -19.82 8.11 29.45
N PHE A 370 -18.96 8.68 28.61
CA PHE A 370 -19.26 9.88 27.84
C PHE A 370 -18.82 9.66 26.41
N PHE A 371 -19.60 10.17 25.47
CA PHE A 371 -19.37 9.93 24.06
C PHE A 371 -18.68 11.13 23.42
N LEU A 372 -17.68 10.85 22.59
CA LEU A 372 -16.87 11.89 21.96
C LEU A 372 -17.42 12.18 20.57
N ASN A 373 -17.77 13.46 20.29
CA ASN A 373 -18.23 13.97 19.00
C ASN A 373 -19.22 13.03 18.31
N GLY A 374 -20.25 12.60 19.05
CA GLY A 374 -20.92 11.35 18.76
C GLY A 374 -21.53 10.77 20.04
N ASN A 375 -21.62 9.45 20.23
CA ASN A 375 -21.05 8.36 19.40
C ASN A 375 -21.32 7.01 20.08
N LYS A 376 -20.89 5.94 19.40
CA LYS A 376 -20.53 4.67 20.05
C LYS A 376 -19.03 4.45 19.94
N GLU A 377 -18.50 4.40 18.70
CA GLU A 377 -17.11 4.03 18.42
C GLU A 377 -16.07 4.83 19.20
N SER A 378 -16.40 6.01 19.71
CA SER A 378 -15.48 6.78 20.54
C SER A 378 -16.20 7.17 21.82
N ASN A 379 -15.68 6.70 22.95
CA ASN A 379 -16.23 7.03 24.26
C ASN A 379 -15.14 6.84 25.31
N LEU A 380 -15.36 7.46 26.47
CA LEU A 380 -14.42 7.39 27.58
C LEU A 380 -15.19 7.29 28.90
N SER A 381 -14.68 6.47 29.81
CA SER A 381 -15.38 6.18 31.05
C SER A 381 -14.51 6.52 32.24
N THR A 382 -15.16 6.92 33.33
CA THR A 382 -14.44 7.15 34.57
C THR A 382 -15.34 6.89 35.76
N THR A 383 -14.72 6.40 36.83
CA THR A 383 -15.33 6.36 38.15
C THR A 383 -14.90 7.53 39.03
N SER A 384 -13.98 8.37 38.57
CA SER A 384 -13.46 9.46 39.40
C SER A 384 -14.51 10.56 39.53
N PRO A 385 -14.98 10.87 40.73
CA PRO A 385 -15.97 11.95 40.89
C PRO A 385 -15.50 13.26 40.30
N TYR A 386 -14.20 13.52 40.35
CA TYR A 386 -13.65 14.77 39.84
C TYR A 386 -13.65 14.79 38.32
N MET A 387 -13.16 13.73 37.69
CA MET A 387 -13.24 13.63 36.24
C MET A 387 -14.68 13.64 35.77
N LYS A 388 -15.58 13.01 36.52
CA LYS A 388 -17.00 13.10 36.17
C LYS A 388 -17.49 14.53 36.22
N ALA A 389 -17.16 15.26 37.29
CA ALA A 389 -17.61 16.64 37.41
C ALA A 389 -17.07 17.50 36.28
N ILE A 390 -15.80 17.32 35.92
CA ILE A 390 -15.21 18.06 34.82
C ILE A 390 -15.87 17.72 33.49
N LEU A 391 -16.11 16.43 33.25
CA LEU A 391 -16.71 16.01 31.98
C LEU A 391 -18.14 16.52 31.85
N TYR A 392 -18.94 16.44 32.92
CA TYR A 392 -20.27 17.02 32.88
C TYR A 392 -20.22 18.53 32.74
N THR A 393 -19.17 19.17 33.27
CA THR A 393 -18.99 20.60 33.03
C THR A 393 -18.75 20.90 31.55
N PHE A 394 -17.91 20.08 30.89
CA PHE A 394 -17.66 20.28 29.46
C PHE A 394 -18.90 19.97 28.64
N SER A 395 -19.72 19.01 29.09
CA SER A 395 -20.85 18.55 28.29
C SER A 395 -21.90 19.63 28.11
N GLU A 396 -22.07 20.52 29.09
CA GLU A 396 -23.06 21.57 29.01
C GLU A 396 -22.53 22.84 28.34
N ASN A 397 -21.23 22.91 28.13
CA ASN A 397 -20.55 24.05 27.50
C ASN A 397 -20.16 23.80 26.05
N LEU A 398 -20.78 22.82 25.39
CA LEU A 398 -20.30 22.31 24.10
C LEU A 398 -19.95 23.41 23.11
N ASN A 399 -18.74 23.32 22.54
CA ASN A 399 -18.22 24.18 21.48
C ASN A 399 -18.20 25.65 21.90
N ASN A 400 -18.20 25.91 23.19
CA ASN A 400 -18.01 27.26 23.73
C ASN A 400 -16.75 27.23 24.59
N PRO A 401 -15.69 27.96 24.22
CA PRO A 401 -14.43 27.85 24.98
C PRO A 401 -14.61 28.19 26.45
N LEU A 402 -13.94 27.41 27.30
CA LEU A 402 -14.01 27.55 28.75
C LEU A 402 -12.60 27.66 29.28
N SER A 403 -12.35 28.62 30.17
CA SER A 403 -11.02 28.78 30.71
C SER A 403 -10.76 27.70 31.78
N PHE A 404 -9.53 27.68 32.28
CA PHE A 404 -9.16 26.69 33.30
C PHE A 404 -9.91 26.96 34.61
N LYS A 405 -9.94 28.22 35.04
CA LYS A 405 -10.67 28.55 36.26
C LYS A 405 -12.16 28.29 36.11
N GLN A 406 -12.71 28.53 34.92
CA GLN A 406 -14.14 28.31 34.72
C GLN A 406 -14.49 26.84 34.81
N VAL A 407 -13.70 25.98 34.15
CA VAL A 407 -13.92 24.54 34.22
C VAL A 407 -13.79 24.05 35.65
N THR A 408 -12.70 24.43 36.34
CA THR A 408 -12.48 23.92 37.67
C THR A 408 -13.55 24.39 38.65
N SER A 409 -13.91 25.68 38.61
CA SER A 409 -14.89 26.19 39.55
C SER A 409 -16.28 25.62 39.26
N GLU A 410 -16.73 25.70 38.00
CA GLU A 410 -18.03 25.13 37.65
C GLU A 410 -18.11 23.65 38.00
N ALA A 411 -17.01 22.92 37.80
CA ALA A 411 -16.97 21.53 38.24
C ALA A 411 -17.06 21.42 39.75
N ASN A 412 -16.45 22.37 40.48
CA ASN A 412 -16.44 22.31 41.94
C ASN A 412 -17.85 22.52 42.49
N THR A 413 -18.64 23.38 41.86
CA THR A 413 -19.99 23.59 42.37
C THR A 413 -20.87 22.34 42.28
N LYS A 414 -20.50 21.35 41.45
CA LYS A 414 -21.23 20.10 41.43
C LYS A 414 -20.85 19.17 42.58
N LEU A 415 -19.67 19.36 43.16
CA LEU A 415 -19.11 18.53 44.22
C LEU A 415 -19.32 19.13 45.62
N ASN A 416 -20.21 20.12 45.76
CA ASN A 416 -20.42 20.89 47.00
C ASN A 416 -19.27 21.84 47.32
N ASN A 417 -18.52 22.25 46.29
CA ASN A 417 -17.51 23.30 46.37
C ASN A 417 -16.43 23.01 47.41
N THR A 418 -16.27 21.74 47.81
CA THR A 418 -15.21 21.35 48.73
C THR A 418 -14.01 20.69 48.06
N LYS A 419 -14.10 20.36 46.76
CA LYS A 419 -13.10 19.54 46.09
C LYS A 419 -12.16 20.31 45.17
N LEU A 420 -12.20 21.65 45.17
CA LEU A 420 -11.58 22.45 44.10
C LEU A 420 -10.15 22.01 43.79
N ASN A 421 -9.33 21.76 44.82
CA ASN A 421 -7.95 21.38 44.55
C ASN A 421 -7.88 20.01 43.87
N GLU A 422 -8.69 19.05 44.33
CA GLU A 422 -8.76 17.77 43.65
C GLU A 422 -9.09 17.95 42.16
N ILE A 423 -10.02 18.85 41.85
CA ILE A 423 -10.44 19.03 40.46
C ILE A 423 -9.34 19.69 39.63
N LYS A 424 -8.72 20.74 40.18
CA LYS A 424 -7.56 21.33 39.52
C LYS A 424 -6.50 20.26 39.23
N ASN A 425 -6.24 19.39 40.20
CA ASN A 425 -5.25 18.34 40.00
C ASN A 425 -5.66 17.39 38.88
N GLU A 426 -6.93 16.97 38.86
CA GLU A 426 -7.39 16.05 37.82
C GLU A 426 -7.25 16.67 36.44
N LEU A 427 -7.75 17.90 36.28
CA LEU A 427 -7.61 18.59 35.00
C LEU A 427 -6.14 18.69 34.60
N LEU A 428 -5.27 19.04 35.56
CA LEU A 428 -3.85 19.18 35.21
C LEU A 428 -3.24 17.86 34.77
N ASN A 429 -3.63 16.76 35.41
CA ASN A 429 -3.02 15.48 35.10
C ASN A 429 -3.49 14.95 33.75
N ASN A 430 -4.78 15.04 33.45
CA ASN A 430 -5.28 14.43 32.22
C ASN A 430 -5.36 15.38 31.03
N ALA A 431 -5.27 16.69 31.23
CA ALA A 431 -5.72 17.63 30.22
C ALA A 431 -4.78 17.67 29.02
N MET A 432 -3.49 17.95 29.25
CA MET A 432 -2.59 18.10 28.12
C MET A 432 -2.38 16.79 27.39
N LYS A 433 -2.36 15.67 28.11
CA LYS A 433 -2.30 14.37 27.45
C LYS A 433 -3.50 14.17 26.54
N LEU A 434 -4.69 14.55 27.00
CA LEU A 434 -5.85 14.45 26.12
C LEU A 434 -5.81 15.46 24.97
N VAL A 435 -5.05 16.55 25.12
CA VAL A 435 -4.94 17.54 24.06
C VAL A 435 -4.00 17.07 22.96
N LEU A 436 -2.82 16.57 23.33
CA LEU A 436 -1.83 16.12 22.38
C LEU A 436 -2.27 14.87 21.61
N GLN A 437 -3.33 14.21 22.08
CA GLN A 437 -3.92 13.10 21.35
C GLN A 437 -5.12 13.53 20.51
N GLY A 438 -5.45 14.82 20.52
CA GLY A 438 -6.52 15.34 19.70
C GLY A 438 -7.90 15.26 20.32
N TYR A 439 -8.03 14.77 21.56
CA TYR A 439 -9.35 14.59 22.16
C TYR A 439 -9.91 15.90 22.71
N ILE A 440 -9.07 16.73 23.33
CA ILE A 440 -9.47 18.04 23.80
C ILE A 440 -8.91 19.10 22.86
N SER A 441 -9.69 20.17 22.67
CA SER A 441 -9.28 21.28 21.84
C SER A 441 -8.90 22.46 22.74
N ILE A 442 -7.74 23.04 22.47
CA ILE A 442 -7.32 24.28 23.10
C ILE A 442 -7.47 25.40 22.09
N THR A 443 -7.79 26.60 22.57
CA THR A 443 -7.96 27.73 21.69
C THR A 443 -7.64 29.02 22.42
N ASN A 444 -7.16 30.00 21.65
CA ASN A 444 -7.04 31.37 22.12
C ASN A 444 -8.35 32.13 22.04
N GLN A 445 -9.37 31.55 21.40
CA GLN A 445 -10.69 32.15 21.36
C GLN A 445 -11.25 32.36 22.77
N LYS A 446 -11.94 33.47 22.96
CA LYS A 446 -12.49 33.82 24.26
C LYS A 446 -13.74 33.00 24.57
N HIS A 447 -14.05 32.89 25.86
CA HIS A 447 -15.35 32.36 26.26
C HIS A 447 -16.43 33.31 25.77
N ARG A 448 -17.55 32.75 25.33
CA ARG A 448 -18.66 33.52 24.82
C ARG A 448 -19.81 33.51 25.83
N SER A 449 -20.51 34.64 25.94
CA SER A 449 -21.65 34.70 26.84
C SER A 449 -22.73 33.73 26.38
N LYS A 450 -23.36 33.06 27.33
CA LYS A 450 -24.36 32.06 27.01
C LYS A 450 -25.49 32.70 26.22
N PRO A 451 -25.87 32.14 25.07
CA PRO A 451 -26.91 32.77 24.25
C PRO A 451 -28.25 32.79 24.95
N VAL A 452 -28.99 33.87 24.73
CA VAL A 452 -30.33 34.05 25.28
C VAL A 452 -31.33 33.37 24.34
N LEU A 453 -32.09 32.42 24.88
CA LEU A 453 -32.87 31.51 24.05
C LEU A 453 -34.34 31.89 23.89
N ASP A 454 -34.84 32.94 24.55
CA ASP A 454 -36.25 33.30 24.37
C ASP A 454 -36.50 33.84 22.97
N LYS A 455 -35.58 34.67 22.48
CA LYS A 455 -35.59 35.10 21.07
C LYS A 455 -34.23 34.76 20.51
N PRO A 456 -34.05 33.54 20.00
CA PRO A 456 -32.72 33.09 19.57
C PRO A 456 -32.16 33.97 18.44
N LYS A 457 -30.85 34.21 18.50
CA LYS A 457 -30.18 35.08 17.54
C LYS A 457 -28.96 34.37 16.97
N THR A 458 -28.97 34.16 15.66
CA THR A 458 -27.82 33.55 15.03
C THR A 458 -26.92 34.64 14.45
N THR A 459 -25.80 34.24 13.85
CA THR A 459 -24.78 35.21 13.48
C THR A 459 -25.08 35.80 12.12
N GLN A 460 -24.28 36.80 11.73
CA GLN A 460 -24.50 37.48 10.47
C GLN A 460 -24.26 36.55 9.29
N MET A 461 -23.19 35.75 9.34
CA MET A 461 -22.84 34.90 8.21
C MET A 461 -23.94 33.89 7.92
N VAL A 462 -24.47 33.25 8.96
CA VAL A 462 -25.46 32.20 8.72
C VAL A 462 -26.83 32.79 8.41
N ILE A 463 -27.15 33.99 8.90
CA ILE A 463 -28.35 34.66 8.41
C ILE A 463 -28.23 34.90 6.92
N TYR A 464 -27.05 35.36 6.48
CA TYR A 464 -26.84 35.60 5.06
C TYR A 464 -26.97 34.31 4.25
N GLN A 465 -26.39 33.21 4.74
CA GLN A 465 -26.43 31.96 3.98
C GLN A 465 -27.83 31.36 3.98
N ALA A 466 -28.54 31.43 5.11
CA ALA A 466 -29.87 30.85 5.18
C ALA A 466 -30.87 31.63 4.36
N LYS A 467 -30.76 32.96 4.34
CA LYS A 467 -31.66 33.77 3.52
C LYS A 467 -31.31 33.70 2.03
N TYR A 468 -30.05 34.00 1.70
CA TYR A 468 -29.65 34.27 0.31
C TYR A 468 -28.89 33.13 -0.39
N THR A 469 -28.70 31.98 0.24
CA THR A 469 -27.83 31.01 -0.41
C THR A 469 -28.54 29.69 -0.66
N PRO A 470 -28.30 29.03 -1.80
CA PRO A 470 -28.88 27.70 -2.02
C PRO A 470 -28.27 26.59 -1.18
N SER A 471 -27.09 26.80 -0.58
CA SER A 471 -26.40 25.73 0.13
C SER A 471 -27.20 25.26 1.34
N MET A 472 -27.07 23.97 1.65
CA MET A 472 -27.74 23.34 2.78
C MET A 472 -26.85 23.26 4.02
N TRP A 473 -25.69 23.91 4.00
CA TRP A 473 -24.84 24.04 5.17
C TRP A 473 -24.62 25.52 5.48
N VAL A 474 -24.24 25.81 6.73
CA VAL A 474 -23.93 27.16 7.15
C VAL A 474 -22.60 27.15 7.90
N THR A 475 -21.99 28.33 8.03
CA THR A 475 -20.66 28.47 8.60
C THR A 475 -20.78 29.04 10.01
N ASN A 476 -20.37 28.26 11.01
CA ASN A 476 -20.62 28.65 12.39
C ASN A 476 -19.50 29.55 12.90
N LEU A 477 -19.59 29.90 14.20
CA LEU A 477 -18.62 30.81 14.80
C LEU A 477 -17.22 30.22 14.85
N LYS A 478 -17.10 28.89 14.74
CA LYS A 478 -15.80 28.24 14.77
C LYS A 478 -15.19 28.06 13.39
N HIS A 479 -15.83 28.64 12.36
CA HIS A 479 -15.42 28.49 10.97
C HIS A 479 -15.59 27.05 10.48
N GLU A 480 -16.67 26.38 10.93
CA GLU A 480 -16.95 25.03 10.47
C GLU A 480 -18.24 24.99 9.68
N PRO A 481 -18.30 24.22 8.60
CA PRO A 481 -19.58 23.97 7.95
C PRO A 481 -20.41 23.01 8.80
N ILE A 482 -21.68 23.35 9.02
CA ILE A 482 -22.61 22.43 9.67
C ILE A 482 -23.84 22.34 8.78
N GLY A 483 -24.24 21.12 8.44
CA GLY A 483 -25.37 20.94 7.56
C GLY A 483 -26.67 21.29 8.26
N VAL A 484 -27.59 21.85 7.49
CA VAL A 484 -28.93 22.16 7.97
C VAL A 484 -29.93 21.53 7.01
N ASN A 485 -31.05 21.09 7.55
CA ASN A 485 -32.17 20.64 6.74
C ASN A 485 -33.01 21.86 6.35
N PHE A 486 -34.09 21.62 5.61
CA PHE A 486 -34.92 22.74 5.18
C PHE A 486 -35.60 23.42 6.35
N PHE A 487 -36.05 22.66 7.35
CA PHE A 487 -36.71 23.28 8.50
C PHE A 487 -35.75 24.15 9.30
N GLU A 488 -34.51 23.68 9.47
CA GLU A 488 -33.50 24.46 10.19
C GLU A 488 -33.06 25.67 9.38
N LYS A 489 -32.89 25.50 8.07
CA LYS A 489 -32.46 26.59 7.20
C LYS A 489 -33.52 27.69 7.13
N PHE A 490 -34.80 27.31 7.08
CA PHE A 490 -35.86 28.31 7.13
C PHE A 490 -35.92 28.97 8.49
N ALA A 491 -35.76 28.18 9.56
CA ALA A 491 -35.80 28.76 10.90
C ALA A 491 -34.67 29.78 11.10
N LEU A 492 -33.50 29.53 10.53
CA LEU A 492 -32.37 30.43 10.74
C LEU A 492 -32.60 31.80 10.13
N ARG A 493 -33.41 31.89 9.07
CA ARG A 493 -33.72 33.18 8.47
C ARG A 493 -34.33 34.14 9.47
N TYR A 494 -35.12 33.63 10.40
CA TYR A 494 -35.95 34.46 11.27
C TYR A 494 -35.35 34.71 12.64
N MET A 495 -34.11 34.31 12.90
CA MET A 495 -33.53 34.57 14.20
C MET A 495 -32.68 35.83 14.06
N ASP A 496 -33.29 36.97 14.37
CA ASP A 496 -32.64 38.28 14.43
C ASP A 496 -32.40 38.75 15.86
N GLY A 497 -32.90 38.02 16.86
CA GLY A 497 -32.88 38.45 18.23
C GLY A 497 -34.17 39.06 18.72
N ARG A 498 -35.02 39.55 17.81
CA ARG A 498 -36.32 40.12 18.19
C ARG A 498 -37.49 39.14 18.07
N ASN A 499 -37.29 37.98 17.46
CA ASN A 499 -38.36 37.03 17.19
C ASN A 499 -38.32 35.88 18.20
N ASP A 500 -39.43 35.64 18.88
CA ASP A 500 -39.51 34.54 19.82
C ASP A 500 -40.03 33.28 19.12
N LYS A 501 -40.19 32.22 19.92
CA LYS A 501 -40.56 30.91 19.40
C LYS A 501 -41.80 30.98 18.51
N LYS A 502 -42.84 31.68 18.97
CA LYS A 502 -44.11 31.64 18.25
C LYS A 502 -44.03 32.41 16.94
N ALA A 503 -43.23 33.47 16.88
CA ALA A 503 -43.12 34.24 15.64
C ALA A 503 -42.28 33.50 14.61
N ILE A 504 -41.19 32.88 15.06
CA ILE A 504 -40.41 32.00 14.20
C ILE A 504 -41.29 30.91 13.62
N ILE A 505 -41.99 30.17 14.49
CA ILE A 505 -42.83 29.07 14.03
C ILE A 505 -43.95 29.57 13.13
N GLU A 506 -44.45 30.78 13.39
CA GLU A 506 -45.48 31.34 12.51
C GLU A 506 -44.93 31.64 11.12
N ALA A 507 -43.68 32.10 11.05
CA ALA A 507 -43.05 32.32 9.75
C ALA A 507 -42.86 31.01 9.00
N ILE A 508 -42.30 30.00 9.68
CA ILE A 508 -42.13 28.69 9.06
C ILE A 508 -43.46 28.15 8.58
N LEU A 509 -44.52 28.32 9.38
CA LEU A 509 -45.87 27.96 8.96
C LEU A 509 -46.25 28.70 7.68
N GLY A 510 -45.86 29.99 7.60
CA GLY A 510 -45.98 30.70 6.34
C GLY A 510 -45.35 29.94 5.20
N HIS A 511 -44.15 29.41 5.42
CA HIS A 511 -43.45 28.71 4.33
C HIS A 511 -44.12 27.38 3.97
N VAL A 512 -44.64 26.64 4.96
CA VAL A 512 -45.30 25.38 4.62
C VAL A 512 -46.64 25.66 3.93
N GLU A 513 -47.21 26.85 4.13
CA GLU A 513 -48.41 27.22 3.38
C GLU A 513 -48.14 27.25 1.88
N LYS A 514 -47.01 27.84 1.49
CA LYS A 514 -46.61 27.81 0.09
C LYS A 514 -45.97 26.48 -0.29
N GLY A 515 -45.08 25.97 0.56
CA GLY A 515 -44.55 24.65 0.35
C GLY A 515 -43.63 24.35 -0.83
N GLU A 516 -42.42 24.93 -0.96
CA GLU A 516 -41.67 25.84 -0.06
C GLU A 516 -41.33 25.26 1.33
N LEU A 517 -41.93 24.13 1.67
CA LEU A 517 -41.57 23.23 2.78
C LEU A 517 -42.62 22.14 2.83
N THR A 518 -42.23 21.00 3.40
CA THR A 518 -43.14 19.89 3.64
C THR A 518 -42.62 19.16 4.87
N LEU A 519 -43.54 18.63 5.68
CA LEU A 519 -43.20 17.97 6.93
C LEU A 519 -43.66 16.53 6.87
N SER A 520 -42.74 15.60 7.17
CA SER A 520 -43.04 14.18 7.24
C SER A 520 -42.70 13.66 8.63
N ARG A 521 -43.73 13.28 9.40
CA ARG A 521 -43.49 12.67 10.69
C ARG A 521 -43.08 11.20 10.57
N GLU A 522 -43.43 10.58 9.46
CA GLU A 522 -43.08 9.22 9.08
C GLU A 522 -42.58 9.29 7.64
N GLY A 523 -42.41 8.15 6.96
CA GLY A 523 -42.31 8.20 5.51
C GLY A 523 -43.49 8.94 4.92
N GLN A 524 -44.64 8.86 5.58
CA GLN A 524 -45.83 9.64 5.28
C GLN A 524 -45.67 11.07 5.77
N LYS A 525 -46.34 11.98 5.08
CA LYS A 525 -46.29 13.41 5.37
C LYS A 525 -47.64 13.88 5.90
N ILE A 526 -47.60 14.89 6.77
CA ILE A 526 -48.78 15.39 7.46
C ILE A 526 -49.16 16.76 6.89
N GLU A 527 -50.33 16.83 6.26
CA GLU A 527 -50.91 18.09 5.78
C GLU A 527 -51.97 18.66 6.71
N ASN A 528 -52.29 17.99 7.81
CA ASN A 528 -53.35 18.48 8.69
C ASN A 528 -52.93 19.81 9.32
N LYS A 529 -53.82 20.80 9.22
CA LYS A 529 -53.56 22.14 9.73
C LYS A 529 -53.01 22.10 11.16
N GLU A 530 -53.82 21.60 12.09
CA GLU A 530 -53.45 21.53 13.49
C GLU A 530 -52.33 20.53 13.78
N GLU A 531 -52.12 19.53 12.92
CA GLU A 531 -50.99 18.62 13.11
C GLU A 531 -49.67 19.29 12.75
N ILE A 532 -49.66 20.13 11.71
CA ILE A 532 -48.45 20.83 11.31
C ILE A 532 -47.92 21.69 12.45
N ARG A 533 -48.81 22.44 13.11
CA ARG A 533 -48.39 23.28 14.22
C ARG A 533 -47.80 22.44 15.35
N LYS A 534 -48.28 21.21 15.54
CA LYS A 534 -47.71 20.34 16.58
C LYS A 534 -46.34 19.84 16.17
N GLU A 535 -46.18 19.44 14.91
CA GLU A 535 -44.87 18.97 14.47
C GLU A 535 -43.84 20.08 14.51
N LEU A 536 -44.25 21.32 14.21
CA LEU A 536 -43.30 22.43 14.29
C LEU A 536 -42.82 22.64 15.72
N GLU A 537 -43.75 22.64 16.69
CA GLU A 537 -43.35 22.74 18.09
C GLU A 537 -42.45 21.59 18.51
N SER A 538 -42.77 20.37 18.08
CA SER A 538 -41.95 19.22 18.45
C SER A 538 -40.56 19.31 17.81
N LEU A 539 -40.44 19.97 16.65
CA LEU A 539 -39.15 20.16 16.02
C LEU A 539 -38.35 21.31 16.62
N PHE A 540 -39.01 22.29 17.24
CA PHE A 540 -38.33 23.54 17.59
C PHE A 540 -37.26 23.32 18.65
N THR A 541 -37.61 22.71 19.79
CA THR A 541 -36.70 22.64 20.92
C THR A 541 -35.38 21.93 20.62
N PRO A 542 -35.38 20.69 20.09
CA PRO A 542 -34.09 20.07 19.74
C PRO A 542 -33.30 20.86 18.72
N MET A 543 -33.97 21.69 17.91
CA MET A 543 -33.25 22.51 16.95
C MET A 543 -32.50 23.64 17.63
N ILE A 544 -33.12 24.28 18.62
CA ILE A 544 -32.42 25.29 19.41
C ILE A 544 -31.26 24.66 20.16
N GLU A 545 -31.46 23.45 20.70
CA GLU A 545 -30.34 22.75 21.32
C GLU A 545 -29.22 22.52 20.32
N LYS A 546 -29.57 22.07 19.10
CA LYS A 546 -28.56 21.80 18.09
C LYS A 546 -27.80 23.06 17.71
N PHE A 547 -28.50 24.18 17.58
CA PHE A 547 -27.83 25.44 17.25
C PHE A 547 -26.90 25.87 18.37
N CYS A 548 -27.36 25.75 19.62
CA CYS A 548 -26.53 26.15 20.76
C CYS A 548 -25.25 25.32 20.85
N SER A 549 -25.35 24.03 20.55
CA SER A 549 -24.18 23.15 20.67
C SER A 549 -23.20 23.30 19.51
N ASN A 550 -23.68 23.71 18.34
CA ASN A 550 -22.85 23.85 17.14
C ASN A 550 -22.36 25.28 16.93
N ALA A 551 -22.57 26.16 17.92
CA ALA A 551 -22.04 27.52 17.88
C ALA A 551 -22.67 28.34 16.76
N LEU A 552 -23.97 28.14 16.53
CA LEU A 552 -24.70 28.96 15.57
C LEU A 552 -25.46 30.11 16.22
N LEU A 553 -25.44 30.22 17.54
CA LEU A 553 -26.23 31.21 18.27
C LEU A 553 -25.30 32.18 18.99
N VAL A 554 -25.69 33.45 19.00
CA VAL A 554 -24.89 34.51 19.61
C VAL A 554 -25.47 34.86 20.99
N TYR B 44 27.71 -11.46 -4.86
CA TYR B 44 27.86 -11.57 -6.31
C TYR B 44 27.79 -13.03 -6.75
N GLU B 45 26.96 -13.82 -6.07
CA GLU B 45 26.85 -15.25 -6.34
C GLU B 45 25.81 -15.49 -7.42
N SER B 46 26.22 -16.12 -8.53
CA SER B 46 25.35 -16.31 -9.68
C SER B 46 24.52 -17.58 -9.49
N TYR B 47 23.20 -17.44 -9.67
CA TYR B 47 22.26 -18.53 -9.43
C TYR B 47 21.59 -18.96 -10.73
N PRO B 48 21.20 -20.23 -10.83
CA PRO B 48 20.23 -20.62 -11.84
C PRO B 48 18.83 -20.21 -11.40
N TYR B 49 17.99 -19.86 -12.37
CA TYR B 49 16.59 -19.54 -12.10
C TYR B 49 15.75 -20.51 -12.92
N ALA B 50 15.08 -21.45 -12.23
CA ALA B 50 14.35 -22.51 -12.91
C ALA B 50 13.25 -21.95 -13.80
N ILE B 51 12.69 -20.80 -13.43
CA ILE B 51 11.65 -20.16 -14.21
C ILE B 51 12.16 -19.74 -15.58
N THR B 52 13.47 -19.60 -15.75
CA THR B 52 14.04 -19.15 -17.00
C THR B 52 14.50 -20.30 -17.91
N ASN B 53 14.29 -21.54 -17.50
CA ASN B 53 14.68 -22.74 -18.24
C ASN B 53 14.14 -22.68 -19.67
N PRO B 54 15.00 -22.79 -20.69
CA PRO B 54 14.50 -22.81 -22.06
C PRO B 54 13.45 -23.87 -22.31
N TYR B 55 13.52 -24.99 -21.57
CA TYR B 55 12.47 -26.00 -21.67
C TYR B 55 11.16 -25.52 -21.05
N HIS B 56 11.23 -24.63 -20.06
CA HIS B 56 10.01 -24.05 -19.51
C HIS B 56 9.35 -23.14 -20.53
N LEU B 57 10.13 -22.23 -21.14
CA LEU B 57 9.59 -21.38 -22.20
C LEU B 57 9.02 -22.23 -23.33
N SER B 58 9.76 -23.27 -23.75
CA SER B 58 9.26 -24.18 -24.76
C SER B 58 7.91 -24.77 -24.35
N THR B 59 7.78 -25.16 -23.09
CA THR B 59 6.54 -25.77 -22.62
C THR B 59 5.38 -24.77 -22.72
N LEU B 60 5.60 -23.53 -22.27
CA LEU B 60 4.53 -22.53 -22.34
C LEU B 60 4.15 -22.20 -23.77
N ALA B 61 5.15 -22.11 -24.66
CA ALA B 61 4.87 -21.90 -26.07
C ALA B 61 4.03 -23.02 -26.64
N THR B 62 4.37 -24.27 -26.29
CA THR B 62 3.54 -25.41 -26.70
C THR B 62 2.14 -25.29 -26.15
N LEU B 63 2.01 -24.87 -24.90
CA LEU B 63 0.69 -24.71 -24.30
C LEU B 63 -0.16 -23.74 -25.11
N PHE B 64 0.45 -22.67 -25.64
CA PHE B 64 -0.30 -21.66 -26.37
C PHE B 64 -0.27 -21.84 -27.89
N GLY B 65 0.32 -22.93 -28.38
CA GLY B 65 0.19 -23.26 -29.78
C GLY B 65 1.35 -22.84 -30.65
N ILE B 66 2.44 -22.39 -30.07
CA ILE B 66 3.67 -22.15 -30.81
C ILE B 66 4.54 -23.39 -30.70
N ASN B 67 5.12 -23.81 -31.82
CA ASN B 67 6.11 -24.87 -31.79
C ASN B 67 7.48 -24.20 -31.71
N ALA B 68 8.11 -24.30 -30.54
CA ALA B 68 9.40 -23.70 -30.28
C ALA B 68 10.50 -24.63 -30.76
N PRO B 69 11.70 -24.10 -31.04
CA PRO B 69 12.79 -24.95 -31.52
C PRO B 69 13.17 -26.02 -30.49
N GLU B 70 13.73 -27.11 -31.00
CA GLU B 70 14.25 -28.15 -30.13
C GLU B 70 15.34 -27.58 -29.23
N VAL B 71 15.25 -27.85 -27.94
CA VAL B 71 16.15 -27.21 -26.98
C VAL B 71 17.57 -27.73 -27.13
N GLU B 72 17.74 -29.05 -27.22
CA GLU B 72 19.08 -29.62 -27.27
C GLU B 72 19.86 -29.19 -28.51
N ASN B 73 19.19 -28.84 -29.60
CA ASN B 73 19.86 -28.33 -30.80
C ASN B 73 19.81 -26.81 -30.93
N SER B 74 19.22 -26.10 -29.97
CA SER B 74 18.90 -24.69 -30.18
C SER B 74 20.07 -23.77 -29.92
N LYS B 75 19.83 -22.48 -30.11
CA LYS B 75 20.76 -21.42 -29.76
C LYS B 75 20.11 -20.49 -28.74
N ILE B 76 20.87 -20.17 -27.69
CA ILE B 76 20.35 -19.55 -26.49
C ILE B 76 21.26 -18.41 -26.08
N LEU B 77 20.68 -17.23 -25.93
CA LEU B 77 21.37 -16.01 -25.55
C LEU B 77 20.89 -15.60 -24.17
N GLU B 78 21.81 -15.20 -23.29
CA GLU B 78 21.43 -14.65 -22.01
C GLU B 78 22.02 -13.25 -21.87
N LEU B 79 21.14 -12.27 -21.68
CA LEU B 79 21.53 -10.91 -21.34
C LEU B 79 21.57 -10.79 -19.82
N GLY B 80 22.64 -10.19 -19.30
CA GLY B 80 22.86 -10.17 -17.86
C GLY B 80 23.20 -11.55 -17.32
N CYS B 81 24.21 -12.17 -17.93
CA CYS B 81 24.52 -13.58 -17.72
C CYS B 81 25.42 -13.80 -16.49
N ALA B 82 26.62 -13.25 -16.54
CA ALA B 82 27.70 -13.60 -15.61
C ALA B 82 27.24 -13.51 -14.16
N ALA B 83 27.72 -14.43 -13.32
CA ALA B 83 28.86 -15.30 -13.61
C ALA B 83 28.50 -16.59 -14.37
N GLY B 84 27.27 -16.69 -14.84
CA GLY B 84 26.91 -17.78 -15.72
C GLY B 84 26.30 -18.98 -15.06
N GLY B 85 25.95 -18.88 -13.77
CA GLY B 85 25.23 -19.95 -13.10
C GLY B 85 23.86 -20.22 -13.66
N ASN B 86 23.33 -19.32 -14.49
CA ASN B 86 22.04 -19.50 -15.14
C ASN B 86 22.17 -20.06 -16.55
N LEU B 87 23.40 -20.27 -17.03
CA LEU B 87 23.64 -20.69 -18.40
C LEU B 87 24.45 -21.98 -18.46
N ILE B 88 25.64 -22.00 -17.86
CA ILE B 88 26.56 -23.15 -17.85
C ILE B 88 25.85 -24.47 -17.63
N PRO B 89 24.90 -24.61 -16.66
CA PRO B 89 24.22 -25.91 -16.50
C PRO B 89 23.59 -26.43 -17.79
N HIS B 90 22.96 -25.56 -18.57
CA HIS B 90 22.40 -26.01 -19.84
C HIS B 90 23.49 -26.46 -20.80
N ALA B 91 24.61 -25.74 -20.81
CA ALA B 91 25.74 -26.15 -21.65
C ALA B 91 26.22 -27.54 -21.28
N VAL B 92 26.19 -27.87 -19.99
CA VAL B 92 26.55 -29.22 -19.56
C VAL B 92 25.50 -30.22 -20.03
N LEU B 93 24.21 -29.83 -19.98
CA LEU B 93 23.16 -30.78 -20.32
C LEU B 93 23.00 -31.01 -21.82
N TYR B 94 23.34 -30.03 -22.66
CA TYR B 94 23.08 -30.11 -24.11
C TYR B 94 24.33 -29.75 -24.89
N PRO B 95 25.21 -30.72 -25.16
CA PRO B 95 26.45 -30.41 -25.88
C PRO B 95 26.23 -30.00 -27.33
N ASN B 96 25.08 -30.32 -27.91
CA ASN B 96 24.79 -29.96 -29.30
C ASN B 96 24.08 -28.61 -29.43
N ALA B 97 23.84 -27.92 -28.32
CA ALA B 97 23.30 -26.56 -28.33
C ALA B 97 24.42 -25.59 -28.01
N HIS B 98 24.32 -24.38 -28.57
CA HIS B 98 25.32 -23.33 -28.35
C HIS B 98 24.73 -22.23 -27.46
N PHE B 99 25.59 -21.65 -26.63
CA PHE B 99 25.17 -20.69 -25.62
C PHE B 99 26.10 -19.48 -25.63
N VAL B 100 25.52 -18.30 -25.42
CA VAL B 100 26.25 -17.03 -25.45
C VAL B 100 25.78 -16.21 -24.25
N GLY B 101 26.70 -15.89 -23.35
CA GLY B 101 26.45 -14.94 -22.29
C GLY B 101 26.99 -13.55 -22.62
N VAL B 102 26.35 -12.54 -22.03
CA VAL B 102 26.73 -11.14 -22.19
C VAL B 102 26.61 -10.48 -20.82
N ASP B 103 27.69 -9.88 -20.33
CA ASP B 103 27.59 -9.17 -19.05
C ASP B 103 28.61 -8.05 -18.98
N LEU B 104 28.26 -7.01 -18.20
CA LEU B 104 29.10 -5.83 -18.05
C LEU B 104 30.24 -6.04 -17.06
N SER B 105 30.15 -7.03 -16.18
CA SER B 105 31.15 -7.23 -15.14
C SER B 105 32.32 -8.06 -15.69
N LYS B 106 33.51 -7.47 -15.67
CA LYS B 106 34.70 -8.20 -16.13
C LYS B 106 35.03 -9.36 -15.20
N VAL B 107 34.95 -9.12 -13.88
CA VAL B 107 35.28 -10.16 -12.90
C VAL B 107 34.38 -11.38 -13.07
N GLN B 108 33.09 -11.15 -13.31
CA GLN B 108 32.15 -12.26 -13.37
C GLN B 108 32.23 -13.01 -14.70
N ILE B 109 32.47 -12.29 -15.80
CA ILE B 109 32.74 -12.97 -17.06
C ILE B 109 33.99 -13.83 -16.95
N ASP B 110 35.03 -13.31 -16.29
CA ASP B 110 36.21 -14.11 -16.02
C ASP B 110 35.87 -15.36 -15.21
N GLU B 111 35.01 -15.21 -14.20
CA GLU B 111 34.61 -16.37 -13.41
C GLU B 111 33.90 -17.40 -14.27
N ALA B 112 32.92 -16.96 -15.06
CA ALA B 112 32.23 -17.85 -15.99
C ALA B 112 33.21 -18.58 -16.89
N ASN B 113 34.22 -17.88 -17.41
CA ASN B 113 35.18 -18.52 -18.30
C ASN B 113 36.06 -19.51 -17.56
N LYS B 114 36.39 -19.21 -16.30
CA LYS B 114 37.12 -20.18 -15.48
C LYS B 114 36.33 -21.47 -15.33
N ASN B 115 35.02 -21.37 -15.09
CA ASN B 115 34.21 -22.57 -14.91
C ASN B 115 33.94 -23.30 -16.23
N VAL B 116 33.82 -22.57 -17.34
CA VAL B 116 33.74 -23.22 -18.65
C VAL B 116 35.03 -23.98 -18.94
N ARG B 117 36.17 -23.42 -18.52
CA ARG B 117 37.45 -24.08 -18.68
C ARG B 117 37.51 -25.36 -17.86
N ALA B 118 37.07 -25.29 -16.60
CA ALA B 118 37.14 -26.45 -15.72
C ALA B 118 36.19 -27.56 -16.16
N LEU B 119 35.00 -27.19 -16.66
CA LEU B 119 34.05 -28.18 -17.14
C LEU B 119 34.33 -28.64 -18.57
N GLY B 120 35.35 -28.11 -19.23
CA GLY B 120 35.69 -28.57 -20.57
C GLY B 120 34.54 -28.48 -21.56
N LEU B 121 33.86 -27.34 -21.60
CA LEU B 121 32.73 -27.15 -22.51
C LEU B 121 33.17 -26.44 -23.78
N LYS B 122 32.82 -27.00 -24.93
CA LYS B 122 33.14 -26.38 -26.20
C LYS B 122 31.98 -25.60 -26.81
N ASN B 123 30.79 -25.65 -26.20
CA ASN B 123 29.57 -25.12 -26.80
C ASN B 123 29.14 -23.76 -26.27
N ILE B 124 29.90 -23.14 -25.37
CA ILE B 124 29.43 -21.92 -24.70
C ILE B 124 30.51 -20.85 -24.73
N GLU B 125 30.09 -19.59 -24.87
CA GLU B 125 31.01 -18.46 -24.90
C GLU B 125 30.42 -17.26 -24.19
N PHE B 126 31.27 -16.48 -23.52
CA PHE B 126 30.85 -15.33 -22.74
C PHE B 126 31.54 -14.07 -23.23
N HIS B 127 30.83 -12.94 -23.16
CA HIS B 127 31.33 -11.66 -23.61
C HIS B 127 31.22 -10.64 -22.48
N HIS B 128 32.30 -9.90 -22.25
CA HIS B 128 32.23 -8.71 -21.39
C HIS B 128 31.97 -7.54 -22.34
N CYS B 129 30.72 -7.08 -22.36
CA CYS B 129 30.32 -5.99 -23.23
C CYS B 129 28.98 -5.44 -22.76
N SER B 130 28.68 -4.23 -23.20
CA SER B 130 27.34 -3.70 -23.01
C SER B 130 26.36 -4.39 -23.96
N ILE B 131 25.08 -4.34 -23.59
CA ILE B 131 24.04 -4.86 -24.49
C ILE B 131 23.96 -4.03 -25.76
N THR B 132 24.32 -2.74 -25.69
CA THR B 132 24.37 -1.88 -26.86
C THR B 132 25.40 -2.35 -27.88
N ASP B 133 26.29 -3.26 -27.50
CA ASP B 133 27.26 -3.85 -28.43
C ASP B 133 26.72 -5.05 -29.18
N ILE B 134 25.54 -5.58 -28.79
CA ILE B 134 25.02 -6.77 -29.45
C ILE B 134 24.50 -6.41 -30.84
N ASP B 135 24.82 -7.26 -31.80
CA ASP B 135 24.79 -6.93 -33.22
C ASP B 135 23.78 -7.81 -33.96
N ASP B 136 23.76 -7.63 -35.28
CA ASP B 136 23.26 -8.67 -36.18
C ASP B 136 24.28 -9.78 -36.36
N SER B 137 25.57 -9.45 -36.24
CA SER B 137 26.61 -10.47 -36.34
C SER B 137 26.50 -11.52 -35.24
N PHE B 138 25.76 -11.23 -34.16
CA PHE B 138 25.51 -12.24 -33.16
C PHE B 138 24.58 -13.33 -33.66
N GLY B 139 23.83 -13.07 -34.72
CA GLY B 139 22.92 -14.06 -35.26
C GLY B 139 21.62 -14.15 -34.47
N LYS B 140 20.73 -14.99 -34.97
CA LYS B 140 19.43 -15.21 -34.36
C LYS B 140 19.51 -16.33 -33.34
N PHE B 141 18.76 -16.17 -32.26
CA PHE B 141 18.74 -17.12 -31.16
C PHE B 141 17.34 -17.68 -30.98
N ASP B 142 17.28 -18.97 -30.61
CA ASP B 142 16.01 -19.62 -30.39
C ASP B 142 15.42 -19.28 -29.03
N TYR B 143 16.26 -18.99 -28.04
CA TYR B 143 15.76 -18.58 -26.73
C TYR B 143 16.63 -17.46 -26.20
N ILE B 144 16.01 -16.37 -25.75
CA ILE B 144 16.73 -15.25 -25.17
C ILE B 144 16.23 -15.07 -23.73
N ILE B 145 17.15 -14.89 -22.78
CA ILE B 145 16.83 -14.80 -21.36
C ILE B 145 17.36 -13.50 -20.81
N CYS B 146 16.46 -12.61 -20.38
CA CYS B 146 16.81 -11.35 -19.73
C CYS B 146 16.13 -11.30 -18.37
N HIS B 147 16.91 -11.47 -17.30
CA HIS B 147 16.36 -11.67 -15.96
C HIS B 147 16.89 -10.62 -14.99
N GLY B 148 15.99 -9.77 -14.51
CA GLY B 148 16.34 -8.80 -13.47
C GLY B 148 17.26 -7.69 -13.90
N VAL B 149 17.24 -7.35 -15.18
CA VAL B 149 18.13 -6.34 -15.76
C VAL B 149 17.36 -5.11 -16.22
N ILE B 150 16.34 -5.28 -17.08
CA ILE B 150 15.79 -4.15 -17.83
C ILE B 150 15.23 -3.06 -16.92
N SER B 151 14.70 -3.42 -15.73
CA SER B 151 14.16 -2.40 -14.84
C SER B 151 15.23 -1.46 -14.30
N TRP B 152 16.49 -1.89 -14.27
CA TRP B 152 17.59 -1.15 -13.69
C TRP B 152 18.47 -0.44 -14.71
N VAL B 153 18.13 -0.47 -15.99
CA VAL B 153 18.99 0.12 -17.01
C VAL B 153 18.29 1.33 -17.62
N PRO B 154 19.03 2.29 -18.17
CA PRO B 154 18.40 3.50 -18.73
C PRO B 154 17.51 3.22 -19.93
N LYS B 155 16.89 4.28 -20.46
CA LYS B 155 15.97 4.15 -21.58
C LYS B 155 16.66 3.56 -22.80
N ILE B 156 17.89 4.00 -23.08
CA ILE B 156 18.60 3.56 -24.28
C ILE B 156 18.80 2.05 -24.25
N VAL B 157 19.28 1.52 -23.12
CA VAL B 157 19.56 0.10 -23.01
C VAL B 157 18.26 -0.72 -23.02
N ARG B 158 17.16 -0.17 -22.47
CA ARG B 158 15.89 -0.86 -22.57
C ARG B 158 15.45 -1.00 -24.02
N ASP B 159 15.50 0.11 -24.76
CA ASP B 159 15.23 0.05 -26.19
C ASP B 159 16.11 -0.99 -26.87
N LYS B 160 17.39 -1.06 -26.49
CA LYS B 160 18.27 -2.07 -27.07
C LYS B 160 17.78 -3.49 -26.75
N ILE B 161 17.45 -3.75 -25.50
CA ILE B 161 16.97 -5.09 -25.13
C ILE B 161 15.76 -5.47 -25.97
N PHE B 162 14.77 -4.57 -26.07
CA PHE B 162 13.63 -4.85 -26.94
C PHE B 162 14.07 -5.03 -28.39
N LYS B 163 15.17 -4.38 -28.78
CA LYS B 163 15.61 -4.45 -30.17
C LYS B 163 16.22 -5.81 -30.51
N VAL B 164 17.05 -6.37 -29.61
CA VAL B 164 17.63 -7.67 -29.92
C VAL B 164 16.62 -8.78 -29.68
N CYS B 165 15.68 -8.60 -28.76
CA CYS B 165 14.68 -9.66 -28.57
C CYS B 165 13.77 -9.84 -29.78
N ASN B 166 13.84 -8.92 -30.74
CA ASN B 166 13.18 -9.05 -32.03
C ASN B 166 14.19 -9.38 -33.13
N ARG B 167 15.15 -8.48 -33.35
CA ARG B 167 16.15 -8.65 -34.40
C ARG B 167 16.90 -9.98 -34.25
N ASN B 168 17.39 -10.26 -33.05
CA ASN B 168 18.24 -11.42 -32.80
C ASN B 168 17.47 -12.67 -32.40
N LEU B 169 16.14 -12.64 -32.48
CA LEU B 169 15.32 -13.79 -32.16
C LEU B 169 14.94 -14.54 -33.43
N SER B 170 14.93 -15.86 -33.34
CA SER B 170 14.51 -16.73 -34.43
C SER B 170 13.00 -16.65 -34.62
N THR B 171 12.55 -17.12 -35.80
CA THR B 171 11.14 -17.01 -36.18
C THR B 171 10.21 -17.52 -35.08
N ASN B 172 10.42 -18.76 -34.63
CA ASN B 172 9.63 -19.37 -33.58
C ASN B 172 10.26 -19.20 -32.19
N GLY B 173 11.34 -18.43 -32.08
CA GLY B 173 12.01 -18.29 -30.80
C GLY B 173 11.17 -17.57 -29.75
N ILE B 174 11.61 -17.68 -28.50
CA ILE B 174 10.94 -17.07 -27.37
C ILE B 174 11.93 -16.17 -26.63
N ALA B 175 11.43 -15.04 -26.14
CA ALA B 175 12.22 -14.09 -25.36
C ALA B 175 11.62 -13.94 -23.98
N TYR B 176 12.45 -14.12 -22.96
CA TYR B 176 12.07 -13.96 -21.57
C TYR B 176 12.61 -12.62 -21.08
N ILE B 177 11.74 -11.79 -20.51
CA ILE B 177 12.16 -10.54 -19.92
C ILE B 177 11.43 -10.36 -18.60
N SER B 178 12.16 -10.19 -17.51
CA SER B 178 11.58 -10.03 -16.18
C SER B 178 11.77 -8.59 -15.69
N TYR B 179 10.76 -8.07 -15.00
CA TYR B 179 10.79 -6.67 -14.59
C TYR B 179 9.88 -6.47 -13.38
N ASN B 180 10.20 -5.45 -12.59
CA ASN B 180 9.32 -5.00 -11.51
C ASN B 180 8.17 -4.20 -12.10
N THR B 181 7.03 -4.25 -11.44
CA THR B 181 5.82 -3.59 -11.94
C THR B 181 5.13 -2.80 -10.84
N LEU B 182 4.48 -1.71 -11.25
CA LEU B 182 3.54 -0.99 -10.40
C LEU B 182 2.19 -1.70 -10.50
N PRO B 183 1.33 -1.54 -9.48
CA PRO B 183 1.44 -0.79 -8.23
C PRO B 183 2.37 -1.41 -7.19
N GLY B 184 2.53 -2.73 -7.24
CA GLY B 184 3.17 -3.50 -6.19
C GLY B 184 4.56 -3.05 -5.77
N TRP B 185 5.28 -2.38 -6.67
CA TRP B 185 6.63 -1.93 -6.35
C TRP B 185 6.65 -0.65 -5.52
N ASN B 186 5.53 0.07 -5.47
CA ASN B 186 5.44 1.26 -4.64
C ASN B 186 5.96 1.01 -3.23
N MET B 187 5.55 -0.11 -2.62
CA MET B 187 5.99 -0.38 -1.26
C MET B 187 7.49 -0.68 -1.18
N VAL B 188 8.05 -1.31 -2.22
CA VAL B 188 9.50 -1.56 -2.22
C VAL B 188 10.26 -0.24 -2.29
N ARG B 189 9.94 0.58 -3.30
CA ARG B 189 10.54 1.90 -3.43
C ARG B 189 10.47 2.67 -2.11
N THR B 190 9.27 2.72 -1.51
CA THR B 190 9.08 3.40 -0.24
C THR B 190 10.14 2.98 0.76
N ILE B 191 10.29 1.67 0.96
CA ILE B 191 11.23 1.23 2.00
C ILE B 191 12.65 1.63 1.61
N ARG B 192 13.00 1.48 0.32
CA ARG B 192 14.31 1.93 -0.13
C ARG B 192 14.49 3.41 0.20
N ASP B 193 13.48 4.23 -0.10
CA ASP B 193 13.53 5.63 0.30
C ASP B 193 13.75 5.76 1.80
N MET B 194 12.93 5.04 2.58
CA MET B 194 13.08 5.09 4.03
C MET B 194 14.48 4.68 4.46
N MET B 195 15.11 3.77 3.71
CA MET B 195 16.46 3.35 4.08
C MET B 195 17.50 4.38 3.64
N LEU B 196 17.28 5.02 2.49
CA LEU B 196 18.24 6.03 2.05
C LEU B 196 18.19 7.24 2.98
N TYR B 197 16.99 7.75 3.22
CA TYR B 197 16.83 8.94 4.06
C TYR B 197 17.42 8.74 5.46
N HIS B 198 17.36 7.52 5.99
CA HIS B 198 17.94 7.30 7.31
C HIS B 198 19.45 7.16 7.25
N SER B 199 20.00 6.68 6.12
CA SER B 199 21.46 6.57 5.98
C SER B 199 22.14 7.94 5.95
N SER B 200 21.42 8.98 5.55
CA SER B 200 21.96 10.33 5.57
C SER B 200 21.96 10.93 6.97
N ASP B 207 29.77 0.53 6.44
CA ASP B 207 28.99 0.62 7.67
C ASP B 207 27.55 1.04 7.38
N ARG B 208 27.22 1.20 6.10
CA ARG B 208 25.89 1.65 5.72
C ARG B 208 24.85 0.53 5.82
N ILE B 209 25.28 -0.73 5.78
CA ILE B 209 24.36 -1.85 5.84
C ILE B 209 23.89 -2.14 7.26
N ALA B 210 24.70 -1.80 8.27
CA ALA B 210 24.29 -2.05 9.65
C ALA B 210 23.13 -1.16 10.06
N GLN B 211 23.18 0.13 9.70
CA GLN B 211 22.10 1.03 10.06
C GLN B 211 20.83 0.73 9.29
N SER B 212 20.95 0.22 8.06
CA SER B 212 19.77 -0.29 7.37
C SER B 212 19.14 -1.43 8.14
N ARG B 213 19.98 -2.26 8.77
CA ARG B 213 19.47 -3.41 9.52
C ARG B 213 18.77 -2.98 10.80
N LEU B 214 19.41 -2.09 11.59
CA LEU B 214 18.74 -1.64 12.81
C LEU B 214 17.60 -0.67 12.52
N LEU B 215 17.52 -0.14 11.30
CA LEU B 215 16.36 0.64 10.89
C LEU B 215 15.19 -0.26 10.52
N LEU B 216 15.47 -1.34 9.77
CA LEU B 216 14.44 -2.33 9.49
C LEU B 216 13.94 -2.99 10.78
N GLU B 217 14.86 -3.29 11.69
CA GLU B 217 14.47 -3.77 13.01
C GLU B 217 13.62 -2.74 13.73
N PHE B 218 14.05 -1.47 13.70
CA PHE B 218 13.34 -0.44 14.43
C PHE B 218 11.94 -0.21 13.88
N VAL B 219 11.73 -0.44 12.59
CA VAL B 219 10.38 -0.37 12.04
C VAL B 219 9.50 -1.45 12.67
N LYS B 220 10.05 -2.67 12.78
CA LYS B 220 9.31 -3.76 13.40
C LYS B 220 9.00 -3.46 14.87
N ASP B 221 9.92 -2.77 15.56
CA ASP B 221 9.69 -2.49 16.97
C ASP B 221 8.67 -1.38 17.17
N SER B 222 8.78 -0.28 16.43
CA SER B 222 7.81 0.81 16.52
C SER B 222 6.40 0.32 16.19
N LEU B 223 6.31 -0.70 15.35
CA LEU B 223 5.09 -1.38 14.97
C LEU B 223 4.76 -2.57 15.87
N GLU B 224 5.37 -2.65 17.07
CA GLU B 224 5.41 -3.84 17.91
C GLU B 224 4.06 -4.54 17.93
N HIS B 225 2.98 -3.81 18.18
CA HIS B 225 1.82 -4.04 17.34
C HIS B 225 0.93 -2.81 17.18
N SER B 226 0.48 -2.61 15.95
CA SER B 226 -0.61 -1.70 15.63
C SER B 226 -1.51 -2.46 14.65
N LYS B 227 -2.77 -2.64 15.04
CA LYS B 227 -3.65 -3.56 14.31
C LYS B 227 -3.83 -3.17 12.85
N THR B 228 -3.51 -1.93 12.49
CA THR B 228 -3.79 -1.41 11.17
C THR B 228 -3.19 -2.30 10.08
N PRO B 229 -3.93 -2.59 9.01
CA PRO B 229 -3.37 -3.43 7.94
C PRO B 229 -2.05 -2.91 7.37
N TYR B 230 -1.84 -1.59 7.31
CA TYR B 230 -0.58 -1.09 6.78
C TYR B 230 0.60 -1.46 7.66
N ALA B 231 0.41 -1.51 8.99
CA ALA B 231 1.47 -1.96 9.87
C ALA B 231 1.86 -3.40 9.58
N GLU B 232 0.87 -4.24 9.23
CA GLU B 232 1.18 -5.60 8.84
C GLU B 232 1.94 -5.64 7.52
N VAL B 233 1.50 -4.86 6.53
CA VAL B 233 2.16 -4.90 5.22
C VAL B 233 3.61 -4.45 5.33
N LEU B 234 3.83 -3.28 5.95
CA LEU B 234 5.19 -2.80 6.17
C LEU B 234 5.99 -3.75 7.06
N LYS B 235 5.32 -4.44 8.00
CA LYS B 235 6.02 -5.39 8.86
C LYS B 235 6.56 -6.57 8.07
N THR B 236 5.73 -7.18 7.21
CA THR B 236 6.20 -8.33 6.43
C THR B 236 7.22 -7.91 5.38
N GLU B 237 6.99 -6.76 4.74
CA GLU B 237 7.95 -6.27 3.73
C GLU B 237 9.30 -5.99 4.36
N ALA B 238 9.33 -5.21 5.45
CA ALA B 238 10.58 -4.94 6.14
C ALA B 238 11.22 -6.22 6.67
N GLY B 239 10.40 -7.19 7.09
CA GLY B 239 10.93 -8.48 7.53
C GLY B 239 11.67 -9.23 6.44
N LEU B 240 11.04 -9.36 5.26
CA LEU B 240 11.71 -10.05 4.16
C LEU B 240 12.94 -9.28 3.67
N LEU B 241 12.85 -7.95 3.63
CA LEU B 241 14.02 -7.17 3.23
C LEU B 241 15.15 -7.27 4.25
N ALA B 242 14.82 -7.53 5.53
CA ALA B 242 15.85 -7.86 6.49
C ALA B 242 16.37 -9.28 6.29
N LYS B 243 15.56 -10.16 5.73
CA LYS B 243 16.02 -11.52 5.47
C LYS B 243 17.05 -11.58 4.35
N GLN B 244 17.03 -10.61 3.43
CA GLN B 244 18.08 -10.53 2.42
C GLN B 244 19.40 -10.14 3.06
N THR B 245 20.50 -10.51 2.40
CA THR B 245 21.84 -10.21 2.91
C THR B 245 22.58 -9.34 1.91
N ASP B 246 22.73 -8.07 2.26
CA ASP B 246 23.84 -7.19 1.94
C ASP B 246 24.05 -6.85 0.46
N HIS B 247 23.52 -7.63 -0.48
CA HIS B 247 23.81 -7.31 -1.86
C HIS B 247 22.74 -6.48 -2.56
N TYR B 248 21.53 -6.40 -2.01
CA TYR B 248 20.53 -5.43 -2.48
C TYR B 248 20.51 -4.20 -1.59
N LEU B 249 21.31 -4.20 -0.53
CA LEU B 249 21.40 -3.15 0.47
C LEU B 249 22.54 -2.17 0.17
N ARG B 250 23.15 -2.28 -1.02
CA ARG B 250 24.44 -1.66 -1.34
C ARG B 250 24.51 -0.19 -0.99
N HIS B 251 23.36 0.50 -1.00
CA HIS B 251 23.23 1.96 -0.84
C HIS B 251 23.65 2.66 -2.13
N ASP B 252 24.40 1.95 -2.98
CA ASP B 252 24.57 2.29 -4.38
C ASP B 252 23.42 1.72 -5.21
N HIS B 253 23.01 0.49 -4.89
CA HIS B 253 21.84 -0.13 -5.50
C HIS B 253 20.55 0.46 -4.95
N LEU B 254 20.57 0.97 -3.72
CA LEU B 254 19.37 1.62 -3.20
C LEU B 254 19.10 2.94 -3.91
N GLU B 255 20.15 3.70 -4.22
CA GLU B 255 20.03 4.94 -4.96
C GLU B 255 19.71 4.73 -6.43
N GLU B 256 19.72 3.49 -6.91
CA GLU B 256 19.44 3.21 -8.31
C GLU B 256 17.97 3.45 -8.63
N GLU B 257 17.73 3.86 -9.88
CA GLU B 257 16.39 4.22 -10.32
C GLU B 257 15.78 3.08 -11.13
N ASN B 258 14.58 2.67 -10.73
CA ASN B 258 13.84 1.60 -11.39
C ASN B 258 12.95 2.18 -12.50
N ALA B 259 12.83 1.43 -13.60
CA ALA B 259 12.00 1.88 -14.71
C ALA B 259 10.54 2.06 -14.31
N GLN B 260 10.08 1.28 -13.32
CA GLN B 260 8.72 1.39 -12.79
C GLN B 260 7.68 1.19 -13.89
N PHE B 261 7.81 0.06 -14.59
CA PHE B 261 6.87 -0.30 -15.64
C PHE B 261 5.48 -0.62 -15.08
N TYR B 262 4.45 -0.04 -15.68
CA TYR B 262 3.18 -0.74 -15.74
C TYR B 262 3.25 -1.77 -16.86
N PHE B 263 2.41 -2.81 -16.76
CA PHE B 263 2.43 -3.84 -17.78
C PHE B 263 2.11 -3.27 -19.16
N HIS B 264 1.20 -2.30 -19.23
CA HIS B 264 0.80 -1.76 -20.53
C HIS B 264 1.90 -0.90 -21.13
N GLU B 265 2.69 -0.22 -20.29
CA GLU B 265 3.83 0.54 -20.79
C GLU B 265 4.92 -0.39 -21.33
N PHE B 266 5.26 -1.42 -20.54
CA PHE B 266 6.19 -2.45 -21.01
C PHE B 266 5.75 -3.01 -22.35
N MET B 267 4.48 -3.42 -22.44
CA MET B 267 3.99 -3.99 -23.70
C MET B 267 3.95 -2.96 -24.81
N ASN B 268 3.84 -1.67 -24.48
CA ASN B 268 3.90 -0.63 -25.50
C ASN B 268 5.29 -0.58 -26.13
N GLU B 269 6.32 -0.45 -25.28
CA GLU B 269 7.70 -0.51 -25.76
C GLU B 269 7.95 -1.79 -26.55
N ALA B 270 7.35 -2.89 -26.12
CA ALA B 270 7.53 -4.16 -26.83
C ALA B 270 6.89 -4.11 -28.22
N ARG B 271 5.65 -3.60 -28.31
CA ARG B 271 4.94 -3.60 -29.59
C ARG B 271 5.58 -2.67 -30.60
N LYS B 272 6.27 -1.63 -30.14
CA LYS B 272 7.03 -0.82 -31.09
C LYS B 272 8.09 -1.64 -31.83
N HIS B 273 8.57 -2.73 -31.23
CA HIS B 273 9.58 -3.60 -31.81
C HIS B 273 9.00 -4.84 -32.50
N ASN B 274 7.67 -4.92 -32.66
CA ASN B 274 7.00 -6.06 -33.29
C ASN B 274 7.13 -7.34 -32.48
N LEU B 275 6.94 -7.22 -31.17
CA LEU B 275 6.84 -8.37 -30.29
C LEU B 275 5.46 -8.42 -29.66
N GLN B 276 4.96 -9.62 -29.42
CA GLN B 276 3.65 -9.82 -28.81
C GLN B 276 3.76 -10.64 -27.54
N TYR B 277 2.80 -10.40 -26.65
CA TYR B 277 2.72 -11.10 -25.37
C TYR B 277 2.31 -12.54 -25.56
N LEU B 278 3.14 -13.46 -25.07
CA LEU B 278 2.83 -14.88 -25.07
C LEU B 278 2.12 -15.29 -23.80
N ALA B 279 2.78 -15.14 -22.65
CA ALA B 279 2.28 -15.57 -21.35
C ALA B 279 3.27 -15.14 -20.27
N ASP B 280 2.89 -15.37 -19.01
CA ASP B 280 3.77 -15.21 -17.87
C ASP B 280 4.36 -16.55 -17.47
N CYS B 281 5.63 -16.56 -17.07
CA CYS B 281 6.30 -17.82 -16.78
C CYS B 281 5.73 -18.49 -15.54
N ASN B 282 5.13 -17.72 -14.62
CA ASN B 282 4.27 -18.30 -13.59
C ASN B 282 2.84 -18.23 -14.12
N ILE B 283 2.29 -19.39 -14.48
CA ILE B 283 1.06 -19.44 -15.25
C ILE B 283 -0.15 -19.08 -14.38
N SER B 284 -0.11 -19.45 -13.10
CA SER B 284 -1.22 -19.15 -12.19
C SER B 284 -1.48 -17.66 -12.07
N THR B 285 -0.50 -16.82 -12.41
CA THR B 285 -0.72 -15.37 -12.35
C THR B 285 -1.69 -14.89 -13.42
N MET B 286 -1.87 -15.66 -14.50
CA MET B 286 -2.86 -15.37 -15.52
C MET B 286 -4.21 -15.99 -15.22
N TYR B 287 -4.33 -16.74 -14.12
CA TYR B 287 -5.55 -17.44 -13.80
C TYR B 287 -6.59 -16.47 -13.25
N LEU B 288 -7.83 -16.62 -13.72
CA LEU B 288 -8.97 -15.87 -13.26
C LEU B 288 -9.96 -16.84 -12.62
N GLY B 289 -10.85 -16.29 -11.79
CA GLY B 289 -11.99 -17.07 -11.36
C GLY B 289 -12.00 -18.23 -10.37
N ASN B 290 -11.71 -18.06 -9.07
CA ASN B 290 -10.97 -17.01 -8.34
C ASN B 290 -11.46 -15.54 -8.37
N MET B 291 -12.38 -15.22 -9.26
CA MET B 291 -13.04 -13.93 -9.42
C MET B 291 -14.51 -14.19 -9.68
N PRO B 292 -15.38 -13.25 -9.34
CA PRO B 292 -16.82 -13.46 -9.56
C PRO B 292 -17.10 -13.81 -11.01
N PRO B 293 -17.98 -14.78 -11.26
CA PRO B 293 -18.27 -15.17 -12.64
C PRO B 293 -18.80 -14.02 -13.50
N LYS B 294 -19.36 -12.99 -12.88
CA LYS B 294 -19.80 -11.81 -13.62
C LYS B 294 -18.62 -11.01 -14.15
N VAL B 295 -17.51 -11.00 -13.42
CA VAL B 295 -16.34 -10.26 -13.85
C VAL B 295 -15.64 -10.99 -15.00
N VAL B 296 -15.48 -12.30 -14.88
CA VAL B 296 -14.82 -13.09 -15.91
C VAL B 296 -15.56 -12.99 -17.23
N GLU B 297 -16.87 -12.74 -17.18
CA GLU B 297 -17.62 -12.49 -18.40
C GLU B 297 -17.24 -11.15 -19.01
N GLN B 298 -16.98 -10.15 -18.17
CA GLN B 298 -16.54 -8.84 -18.66
C GLN B 298 -15.15 -8.91 -19.26
N LEU B 299 -14.18 -9.43 -18.49
CA LEU B 299 -12.82 -9.57 -18.99
C LEU B 299 -12.77 -10.45 -20.22
N LYS B 300 -13.59 -11.50 -20.26
CA LYS B 300 -13.68 -12.36 -21.42
C LYS B 300 -14.39 -11.67 -22.58
N ALA B 301 -15.16 -10.63 -22.29
CA ALA B 301 -15.85 -9.89 -23.34
C ALA B 301 -14.89 -9.01 -24.13
N VAL B 302 -14.25 -8.04 -23.46
CA VAL B 302 -13.19 -7.27 -24.08
C VAL B 302 -12.15 -8.23 -24.63
N ASN B 303 -11.69 -7.97 -25.84
CA ASN B 303 -10.53 -8.71 -26.35
C ASN B 303 -9.33 -7.76 -26.34
N ASP B 304 -8.56 -7.82 -25.26
CA ASP B 304 -7.15 -7.52 -25.26
C ASP B 304 -6.57 -8.33 -24.12
N ILE B 305 -5.48 -9.05 -24.36
CA ILE B 305 -4.89 -9.78 -23.25
C ILE B 305 -4.12 -8.82 -22.35
N VAL B 306 -3.58 -7.74 -22.92
CA VAL B 306 -2.67 -6.88 -22.18
C VAL B 306 -3.41 -6.05 -21.14
N ARG B 307 -4.56 -5.46 -21.50
CA ARG B 307 -5.27 -4.67 -20.51
C ARG B 307 -6.08 -5.52 -19.55
N THR B 308 -6.40 -6.77 -19.92
CA THR B 308 -6.91 -7.72 -18.95
C THR B 308 -5.86 -7.99 -17.87
N GLU B 309 -4.65 -8.34 -18.32
CA GLU B 309 -3.57 -8.57 -17.37
C GLU B 309 -3.27 -7.32 -16.56
N GLN B 310 -3.41 -6.15 -17.18
CA GLN B 310 -3.13 -4.90 -16.46
C GLN B 310 -4.17 -4.65 -15.39
N TYR B 311 -5.45 -4.92 -15.70
CA TYR B 311 -6.48 -4.80 -14.67
C TYR B 311 -6.19 -5.75 -13.51
N MET B 312 -5.84 -7.01 -13.81
CA MET B 312 -5.46 -7.93 -12.75
C MET B 312 -4.26 -7.41 -11.96
N ASP B 313 -3.33 -6.72 -12.62
CA ASP B 313 -2.22 -6.13 -11.89
C ASP B 313 -2.68 -5.02 -10.96
N PHE B 314 -3.67 -4.22 -11.39
CA PHE B 314 -4.19 -3.16 -10.52
C PHE B 314 -4.85 -3.75 -9.29
N ILE B 315 -5.72 -4.75 -9.48
CA ILE B 315 -6.49 -5.26 -8.34
C ILE B 315 -5.69 -6.22 -7.47
N THR B 316 -4.67 -6.91 -8.01
CA THR B 316 -3.88 -7.85 -7.22
C THR B 316 -2.57 -7.26 -6.70
N ASN B 317 -2.29 -5.98 -6.98
CA ASN B 317 -1.08 -5.30 -6.49
C ASN B 317 0.18 -6.06 -6.92
N ARG B 318 0.40 -6.11 -8.23
CA ARG B 318 1.38 -6.99 -8.85
C ARG B 318 2.76 -6.32 -8.82
N ARG B 319 3.71 -6.93 -8.12
CA ARG B 319 5.03 -6.32 -7.97
C ARG B 319 6.06 -6.78 -8.98
N PHE B 320 5.82 -7.87 -9.71
CA PHE B 320 6.85 -8.45 -10.56
C PHE B 320 6.18 -9.21 -11.70
N ARG B 321 6.85 -9.24 -12.84
CA ARG B 321 6.40 -10.02 -13.99
C ARG B 321 7.58 -10.67 -14.66
N THR B 322 7.39 -11.94 -15.03
CA THR B 322 8.31 -12.67 -15.88
C THR B 322 7.56 -12.92 -17.18
N THR B 323 7.95 -12.20 -18.24
CA THR B 323 7.12 -12.12 -19.44
C THR B 323 7.79 -12.84 -20.59
N LEU B 324 7.01 -13.65 -21.30
CA LEU B 324 7.46 -14.31 -22.51
C LEU B 324 6.91 -13.54 -23.70
N LEU B 325 7.81 -13.09 -24.58
CA LEU B 325 7.49 -12.40 -25.80
C LEU B 325 7.81 -13.30 -26.98
N CYS B 326 7.05 -13.15 -28.06
CA CYS B 326 7.37 -13.84 -29.29
C CYS B 326 7.10 -12.91 -30.47
N HIS B 327 7.59 -13.32 -31.64
CA HIS B 327 7.45 -12.49 -32.82
C HIS B 327 5.98 -12.26 -33.16
N ASN B 328 5.69 -11.07 -33.70
CA ASN B 328 4.32 -10.64 -33.92
C ASN B 328 3.60 -11.46 -34.99
N ASP B 329 4.35 -12.11 -35.89
CA ASP B 329 3.74 -12.85 -36.99
C ASP B 329 3.16 -14.19 -36.57
N LEU B 330 3.40 -14.63 -35.33
CA LEU B 330 2.94 -15.92 -34.86
C LEU B 330 1.49 -15.85 -34.39
N LYS B 331 0.68 -16.81 -34.83
CA LYS B 331 -0.70 -16.92 -34.36
C LYS B 331 -0.72 -17.69 -33.04
N ILE B 332 -1.27 -17.07 -32.00
CA ILE B 332 -1.35 -17.67 -30.66
C ILE B 332 -2.77 -18.14 -30.43
N ASN B 333 -2.89 -19.37 -29.92
CA ASN B 333 -4.19 -19.96 -29.59
C ASN B 333 -4.33 -19.98 -28.08
N ARG B 334 -5.27 -19.18 -27.56
CA ARG B 334 -5.49 -19.11 -26.12
C ARG B 334 -6.62 -20.01 -25.64
N ASN B 335 -7.26 -20.76 -26.54
CA ASN B 335 -8.22 -21.76 -26.11
C ASN B 335 -7.48 -22.97 -25.57
N ILE B 336 -7.74 -23.33 -24.32
CA ILE B 336 -7.04 -24.42 -23.66
C ILE B 336 -8.08 -25.40 -23.13
N ASN B 337 -7.92 -26.67 -23.49
CA ASN B 337 -8.89 -27.72 -23.23
C ASN B 337 -8.28 -28.75 -22.29
N ASN B 338 -9.17 -29.51 -21.64
CA ASN B 338 -8.72 -30.47 -20.63
C ASN B 338 -7.76 -31.50 -21.22
N ASP B 339 -7.96 -31.90 -22.48
CA ASP B 339 -7.12 -32.94 -23.05
C ASP B 339 -5.84 -32.38 -23.66
N ASP B 340 -5.65 -31.07 -23.68
CA ASP B 340 -4.33 -30.51 -23.98
C ASP B 340 -3.26 -31.10 -23.07
N ILE B 341 -3.67 -31.60 -21.89
CA ILE B 341 -2.76 -32.23 -20.94
C ILE B 341 -2.03 -33.40 -21.58
N LYS B 342 -2.59 -34.00 -22.63
CA LYS B 342 -1.93 -35.12 -23.28
C LYS B 342 -0.67 -34.71 -24.02
N LYS B 343 -0.47 -33.41 -24.26
CA LYS B 343 0.71 -32.92 -24.96
C LYS B 343 1.95 -32.89 -24.09
N PHE B 344 1.80 -33.00 -22.77
CA PHE B 344 2.88 -32.69 -21.85
C PHE B 344 3.20 -33.86 -20.93
N ASN B 345 4.40 -33.80 -20.36
CA ASN B 345 4.78 -34.64 -19.25
C ASN B 345 4.47 -33.91 -17.96
N ILE B 346 4.05 -34.65 -16.94
CA ILE B 346 3.37 -34.08 -15.78
C ILE B 346 4.23 -34.30 -14.54
N ILE B 347 4.32 -33.26 -13.71
CA ILE B 347 4.97 -33.35 -12.40
C ILE B 347 3.99 -32.78 -11.38
N PHE B 348 3.54 -33.62 -10.46
CA PHE B 348 2.69 -33.19 -9.36
C PHE B 348 3.40 -33.62 -8.08
N ASN B 349 3.91 -32.66 -7.32
CA ASN B 349 4.71 -32.97 -6.15
C ASN B 349 3.78 -33.03 -4.94
N VAL B 350 3.52 -34.24 -4.46
CA VAL B 350 2.58 -34.47 -3.36
C VAL B 350 3.14 -35.57 -2.48
N ILE B 351 3.10 -35.35 -1.17
CA ILE B 351 3.48 -36.35 -0.19
C ILE B 351 2.22 -36.82 0.53
N PRO B 352 1.91 -38.11 0.52
CA PRO B 352 0.65 -38.57 1.11
C PRO B 352 0.71 -38.50 2.63
N GLU B 353 -0.46 -38.27 3.23
CA GLU B 353 -0.54 -38.30 4.69
C GLU B 353 -0.27 -39.71 5.21
N LYS B 354 -0.84 -40.73 4.56
CA LYS B 354 -0.65 -42.12 4.94
C LYS B 354 -0.03 -42.90 3.79
N PRO B 355 0.83 -43.88 4.08
CA PRO B 355 1.47 -44.65 3.01
C PRO B 355 0.48 -45.52 2.24
N LEU B 356 0.95 -46.20 1.19
CA LEU B 356 0.05 -47.01 0.37
C LEU B 356 -0.27 -48.35 1.04
N LYS B 357 0.73 -48.99 1.63
CA LYS B 357 0.51 -50.29 2.25
C LYS B 357 -0.54 -50.23 3.35
N GLU B 358 -0.71 -49.08 3.98
CA GLU B 358 -1.57 -48.92 5.14
C GLU B 358 -2.96 -48.38 4.79
N VAL B 359 -3.26 -48.19 3.51
CA VAL B 359 -4.57 -47.71 3.09
C VAL B 359 -5.15 -48.64 2.03
N ASP B 360 -6.48 -48.64 1.95
CA ASP B 360 -7.22 -49.39 0.95
C ASP B 360 -7.82 -48.39 -0.03
N LEU B 361 -7.29 -48.38 -1.25
CA LEU B 361 -7.67 -47.35 -2.23
C LEU B 361 -9.14 -47.39 -2.60
N ASN B 362 -9.82 -48.53 -2.40
CA ASN B 362 -11.22 -48.63 -2.75
C ASN B 362 -12.16 -48.22 -1.62
N ASN B 363 -11.62 -47.82 -0.47
CA ASN B 363 -12.50 -47.34 0.60
C ASN B 363 -12.93 -45.93 0.26
N ALA B 364 -14.23 -45.76 -0.01
CA ALA B 364 -14.75 -44.49 -0.50
C ALA B 364 -15.38 -43.65 0.59
N THR B 365 -15.51 -44.18 1.80
CA THR B 365 -15.85 -43.35 2.95
C THR B 365 -14.60 -42.75 3.59
N GLU B 366 -13.43 -43.28 3.26
CA GLU B 366 -12.17 -42.79 3.78
C GLU B 366 -11.65 -41.70 2.85
N ASN B 367 -11.49 -40.49 3.38
CA ASN B 367 -11.01 -39.35 2.62
C ASN B 367 -9.53 -39.18 2.94
N LEU B 368 -8.68 -39.42 1.95
CA LEU B 368 -7.24 -39.37 2.15
C LEU B 368 -6.70 -38.02 1.69
N GLN B 369 -5.68 -37.53 2.40
CA GLN B 369 -5.10 -36.24 2.12
C GLN B 369 -3.63 -36.37 1.74
N PHE B 370 -3.19 -35.46 0.88
CA PHE B 370 -1.84 -35.40 0.34
C PHE B 370 -1.37 -33.95 0.41
N PHE B 371 -0.11 -33.75 0.75
CA PHE B 371 0.41 -32.42 1.05
C PHE B 371 1.26 -31.89 -0.12
N LEU B 372 1.11 -30.60 -0.39
CA LEU B 372 1.59 -30.00 -1.63
C LEU B 372 3.07 -29.61 -1.59
N ASN B 373 3.42 -28.68 -0.70
CA ASN B 373 4.70 -27.99 -0.78
C ASN B 373 5.97 -28.55 -0.06
N GLY B 374 5.99 -29.72 0.59
CA GLY B 374 4.91 -30.67 0.81
C GLY B 374 4.42 -30.57 2.23
N ASN B 375 4.55 -29.38 2.80
CA ASN B 375 4.58 -29.17 4.24
C ASN B 375 3.34 -29.65 5.01
N LYS B 376 2.37 -28.76 5.18
CA LYS B 376 1.08 -29.04 5.80
C LYS B 376 -0.01 -28.22 5.12
N GLU B 377 0.16 -26.89 5.19
CA GLU B 377 -0.85 -25.86 4.94
C GLU B 377 -1.69 -26.14 3.70
N SER B 378 -1.09 -26.11 2.53
CA SER B 378 -1.81 -26.47 1.32
C SER B 378 -1.81 -27.98 1.16
N ASN B 379 -3.01 -28.55 1.00
CA ASN B 379 -3.15 -29.99 0.82
C ASN B 379 -4.41 -30.27 0.03
N LEU B 380 -4.43 -31.44 -0.61
CA LEU B 380 -5.57 -31.90 -1.39
C LEU B 380 -6.09 -33.20 -0.78
N SER B 381 -7.40 -33.27 -0.57
CA SER B 381 -8.04 -34.44 0.02
C SER B 381 -9.08 -34.99 -0.96
N THR B 382 -9.16 -36.31 -1.06
CA THR B 382 -10.06 -36.94 -2.02
C THR B 382 -10.64 -38.22 -1.43
N THR B 383 -11.88 -38.50 -1.83
CA THR B 383 -12.57 -39.74 -1.51
C THR B 383 -12.55 -40.75 -2.65
N SER B 384 -12.00 -40.37 -3.81
CA SER B 384 -12.06 -41.14 -5.05
C SER B 384 -10.95 -42.18 -5.10
N PRO B 385 -11.26 -43.42 -5.43
CA PRO B 385 -10.19 -44.43 -5.60
C PRO B 385 -9.25 -44.09 -6.75
N TYR B 386 -9.81 -43.58 -7.84
CA TYR B 386 -9.00 -43.25 -9.02
C TYR B 386 -8.09 -42.06 -8.76
N MET B 387 -8.61 -41.01 -8.13
CA MET B 387 -7.78 -39.86 -7.78
C MET B 387 -6.72 -40.25 -6.74
N LYS B 388 -7.05 -41.15 -5.82
CA LYS B 388 -6.05 -41.67 -4.90
C LYS B 388 -4.94 -42.40 -5.66
N ALA B 389 -5.30 -43.25 -6.62
CA ALA B 389 -4.29 -43.94 -7.41
C ALA B 389 -3.40 -42.95 -8.17
N ILE B 390 -4.02 -41.92 -8.76
CA ILE B 390 -3.25 -40.92 -9.50
C ILE B 390 -2.28 -40.20 -8.57
N LEU B 391 -2.77 -39.76 -7.41
CA LEU B 391 -1.93 -38.98 -6.49
C LEU B 391 -0.81 -39.84 -5.89
N TYR B 392 -1.10 -41.10 -5.58
CA TYR B 392 -0.03 -41.97 -5.10
C TYR B 392 0.99 -42.22 -6.20
N THR B 393 0.55 -42.33 -7.45
CA THR B 393 1.49 -42.48 -8.55
C THR B 393 2.39 -41.24 -8.67
N PHE B 394 1.80 -40.05 -8.56
CA PHE B 394 2.60 -38.83 -8.54
C PHE B 394 3.55 -38.80 -7.36
N SER B 395 3.16 -39.40 -6.22
CA SER B 395 3.91 -39.24 -4.99
C SER B 395 5.22 -40.02 -5.00
N GLU B 396 5.32 -41.08 -5.78
CA GLU B 396 6.55 -41.84 -5.90
C GLU B 396 7.37 -41.46 -7.12
N ASN B 397 6.86 -40.59 -7.98
CA ASN B 397 7.57 -40.09 -9.16
C ASN B 397 8.14 -38.69 -8.99
N LEU B 398 8.20 -38.17 -7.76
CA LEU B 398 8.41 -36.74 -7.50
C LEU B 398 9.54 -36.16 -8.34
N ASN B 399 9.23 -35.02 -8.97
CA ASN B 399 10.13 -34.24 -9.82
C ASN B 399 10.70 -35.05 -10.98
N ASN B 400 10.01 -36.13 -11.36
CA ASN B 400 10.35 -36.88 -12.58
C ASN B 400 9.15 -36.81 -13.51
N PRO B 401 9.26 -36.13 -14.65
CA PRO B 401 8.09 -35.93 -15.52
C PRO B 401 7.51 -37.25 -16.00
N LEU B 402 6.19 -37.29 -16.09
CA LEU B 402 5.44 -38.51 -16.39
C LEU B 402 4.43 -38.19 -17.47
N SER B 403 4.38 -39.03 -18.51
CA SER B 403 3.41 -38.82 -19.58
C SER B 403 2.02 -39.27 -19.12
N PHE B 404 1.00 -38.79 -19.82
CA PHE B 404 -0.38 -39.16 -19.50
C PHE B 404 -0.53 -40.68 -19.42
N LYS B 405 0.07 -41.40 -20.37
CA LYS B 405 -0.04 -42.86 -20.38
C LYS B 405 0.67 -43.47 -19.18
N GLN B 406 1.85 -42.94 -18.83
CA GLN B 406 2.58 -43.49 -17.68
C GLN B 406 1.81 -43.28 -16.38
N VAL B 407 1.27 -42.07 -16.17
CA VAL B 407 0.50 -41.78 -14.96
C VAL B 407 -0.73 -42.69 -14.89
N THR B 408 -1.52 -42.72 -15.96
CA THR B 408 -2.78 -43.46 -15.89
C THR B 408 -2.55 -44.96 -15.76
N SER B 409 -1.56 -45.51 -16.48
CA SER B 409 -1.31 -46.94 -16.41
C SER B 409 -0.75 -47.33 -15.04
N GLU B 410 0.29 -46.62 -14.59
CA GLU B 410 0.88 -46.91 -13.29
C GLU B 410 -0.16 -46.79 -12.18
N ALA B 411 -1.04 -45.80 -12.27
CA ALA B 411 -2.15 -45.71 -11.34
C ALA B 411 -3.10 -46.89 -11.50
N ASN B 412 -3.25 -47.41 -12.72
CA ASN B 412 -4.18 -48.50 -12.96
C ASN B 412 -3.72 -49.80 -12.31
N THR B 413 -2.40 -50.04 -12.26
CA THR B 413 -1.97 -51.28 -11.63
C THR B 413 -2.23 -51.29 -10.13
N LYS B 414 -2.42 -50.11 -9.51
CA LYS B 414 -2.82 -50.06 -8.10
C LYS B 414 -4.27 -50.46 -7.89
N LEU B 415 -5.11 -50.30 -8.92
CA LEU B 415 -6.53 -50.62 -8.89
C LEU B 415 -6.82 -52.00 -9.46
N ASN B 416 -5.80 -52.85 -9.61
CA ASN B 416 -5.93 -54.20 -10.15
C ASN B 416 -6.22 -54.18 -11.66
N ASN B 417 -5.69 -53.17 -12.35
CA ASN B 417 -5.64 -53.09 -13.81
C ASN B 417 -7.02 -53.12 -14.45
N THR B 418 -8.08 -52.89 -13.69
CA THR B 418 -9.42 -52.90 -14.26
C THR B 418 -9.95 -51.51 -14.63
N LYS B 419 -9.39 -50.46 -14.03
CA LYS B 419 -10.03 -49.16 -13.96
C LYS B 419 -9.47 -48.10 -14.93
N LEU B 420 -8.61 -48.49 -15.88
CA LEU B 420 -7.88 -47.50 -16.68
C LEU B 420 -8.76 -46.37 -17.21
N ASN B 421 -9.98 -46.70 -17.64
CA ASN B 421 -10.86 -45.68 -18.21
C ASN B 421 -11.28 -44.66 -17.16
N GLU B 422 -11.70 -45.13 -15.99
CA GLU B 422 -12.08 -44.22 -14.91
C GLU B 422 -10.93 -43.30 -14.53
N ILE B 423 -9.70 -43.84 -14.47
CA ILE B 423 -8.52 -43.04 -14.14
C ILE B 423 -8.27 -41.99 -15.21
N LYS B 424 -8.36 -42.37 -16.49
CA LYS B 424 -8.21 -41.40 -17.57
C LYS B 424 -9.24 -40.29 -17.46
N ASN B 425 -10.48 -40.62 -17.06
CA ASN B 425 -11.50 -39.60 -16.90
C ASN B 425 -11.18 -38.66 -15.74
N GLU B 426 -10.77 -39.20 -14.60
CA GLU B 426 -10.36 -38.37 -13.47
C GLU B 426 -9.24 -37.41 -13.86
N LEU B 427 -8.14 -37.96 -14.40
CA LEU B 427 -7.00 -37.13 -14.78
C LEU B 427 -7.40 -36.09 -15.81
N LEU B 428 -8.13 -36.50 -16.85
CA LEU B 428 -8.51 -35.55 -17.90
C LEU B 428 -9.35 -34.40 -17.34
N ASN B 429 -10.27 -34.70 -16.41
CA ASN B 429 -11.11 -33.63 -15.88
C ASN B 429 -10.33 -32.69 -14.96
N ASN B 430 -9.49 -33.24 -14.07
CA ASN B 430 -8.84 -32.39 -13.07
C ASN B 430 -7.57 -31.68 -13.57
N ALA B 431 -6.80 -32.32 -14.45
CA ALA B 431 -5.39 -31.99 -14.60
C ALA B 431 -5.17 -30.54 -15.05
N MET B 432 -5.72 -30.17 -16.20
CA MET B 432 -5.47 -28.82 -16.73
C MET B 432 -5.99 -27.76 -15.78
N LYS B 433 -7.11 -28.03 -15.10
CA LYS B 433 -7.57 -27.16 -14.04
C LYS B 433 -6.48 -26.92 -13.00
N LEU B 434 -5.77 -27.99 -12.61
CA LEU B 434 -4.70 -27.83 -11.64
C LEU B 434 -3.42 -27.23 -12.22
N VAL B 435 -3.22 -27.33 -13.54
CA VAL B 435 -2.05 -26.73 -14.16
C VAL B 435 -2.22 -25.22 -14.22
N LEU B 436 -3.39 -24.77 -14.68
CA LEU B 436 -3.64 -23.33 -14.80
C LEU B 436 -3.71 -22.65 -13.44
N GLN B 437 -3.97 -23.40 -12.38
CA GLN B 437 -3.93 -22.87 -11.01
C GLN B 437 -2.57 -23.02 -10.35
N GLY B 438 -1.57 -23.53 -11.07
CA GLY B 438 -0.21 -23.60 -10.57
C GLY B 438 0.12 -24.81 -9.72
N TYR B 439 -0.84 -25.69 -9.47
CA TYR B 439 -0.58 -26.82 -8.59
C TYR B 439 0.16 -27.95 -9.30
N ILE B 440 -0.08 -28.14 -10.60
CA ILE B 440 0.59 -29.17 -11.39
C ILE B 440 1.53 -28.49 -12.38
N SER B 441 2.71 -29.08 -12.55
CA SER B 441 3.67 -28.62 -13.54
C SER B 441 3.55 -29.44 -14.82
N ILE B 442 3.55 -28.75 -15.97
CA ILE B 442 3.64 -29.36 -17.28
C ILE B 442 5.02 -29.07 -17.84
N THR B 443 5.57 -30.01 -18.60
CA THR B 443 6.87 -29.81 -19.22
C THR B 443 6.96 -30.61 -20.52
N ASN B 444 7.77 -30.10 -21.43
CA ASN B 444 8.14 -30.86 -22.62
C ASN B 444 9.31 -31.82 -22.36
N GLN B 445 9.87 -31.79 -21.16
CA GLN B 445 10.99 -32.66 -20.82
C GLN B 445 10.55 -34.11 -20.70
N LYS B 446 11.38 -35.01 -21.22
CA LYS B 446 11.07 -36.43 -21.24
C LYS B 446 11.20 -37.05 -19.85
N HIS B 447 10.53 -38.18 -19.67
CA HIS B 447 10.67 -38.94 -18.44
C HIS B 447 12.11 -39.45 -18.30
N ARG B 448 12.58 -39.54 -17.07
CA ARG B 448 13.94 -40.00 -16.81
C ARG B 448 13.92 -41.37 -16.13
N SER B 449 14.93 -42.17 -16.44
CA SER B 449 15.04 -43.50 -15.87
C SER B 449 15.22 -43.44 -14.36
N LYS B 450 14.57 -44.35 -13.65
CA LYS B 450 14.70 -44.45 -12.20
C LYS B 450 16.17 -44.63 -11.83
N PRO B 451 16.76 -43.75 -11.02
CA PRO B 451 18.18 -43.88 -10.68
C PRO B 451 18.50 -45.19 -9.96
N VAL B 452 19.68 -45.74 -10.23
CA VAL B 452 20.13 -47.00 -9.63
C VAL B 452 20.94 -46.67 -8.38
N LEU B 453 20.54 -47.25 -7.25
CA LEU B 453 20.98 -46.77 -5.93
C LEU B 453 22.07 -47.60 -5.27
N ASP B 454 22.55 -48.67 -5.91
CA ASP B 454 23.66 -49.40 -5.32
C ASP B 454 24.86 -48.49 -5.21
N LYS B 455 25.22 -47.83 -6.29
CA LYS B 455 26.28 -46.81 -6.34
C LYS B 455 25.64 -45.55 -6.88
N PRO B 456 25.05 -44.71 -6.02
CA PRO B 456 24.30 -43.54 -6.52
C PRO B 456 25.19 -42.58 -7.29
N LYS B 457 24.63 -42.00 -8.35
CA LYS B 457 25.36 -41.17 -9.30
C LYS B 457 24.61 -39.87 -9.52
N THR B 458 25.31 -38.75 -9.33
CA THR B 458 24.71 -37.43 -9.56
C THR B 458 25.16 -36.89 -10.91
N THR B 459 24.62 -35.71 -11.28
CA THR B 459 24.85 -35.10 -12.58
C THR B 459 26.23 -34.43 -12.66
N GLN B 460 26.69 -34.20 -13.89
CA GLN B 460 28.02 -33.66 -14.11
C GLN B 460 28.21 -32.30 -13.43
N MET B 461 27.15 -31.49 -13.38
CA MET B 461 27.26 -30.16 -12.79
C MET B 461 27.44 -30.22 -11.28
N VAL B 462 26.69 -31.10 -10.60
CA VAL B 462 26.68 -31.04 -9.14
C VAL B 462 27.91 -31.73 -8.51
N ILE B 463 28.54 -32.70 -9.18
CA ILE B 463 29.83 -33.16 -8.67
C ILE B 463 30.87 -32.05 -8.78
N TYR B 464 30.79 -31.27 -9.85
CA TYR B 464 31.70 -30.15 -10.01
C TYR B 464 31.45 -29.09 -8.94
N GLN B 465 30.18 -28.78 -8.67
CA GLN B 465 29.88 -27.79 -7.63
C GLN B 465 30.26 -28.31 -6.25
N ALA B 466 29.94 -29.57 -5.96
CA ALA B 466 30.22 -30.10 -4.63
C ALA B 466 31.71 -30.25 -4.38
N LYS B 467 32.48 -30.61 -5.41
CA LYS B 467 33.92 -30.74 -5.25
C LYS B 467 34.62 -29.39 -5.22
N TYR B 468 34.38 -28.55 -6.23
CA TYR B 468 35.21 -27.38 -6.50
C TYR B 468 34.61 -26.04 -6.08
N THR B 469 33.42 -26.01 -5.47
CA THR B 469 32.81 -24.70 -5.29
C THR B 469 32.48 -24.44 -3.83
N PRO B 470 32.68 -23.21 -3.35
CA PRO B 470 32.34 -22.89 -1.95
C PRO B 470 30.85 -22.85 -1.68
N SER B 471 30.01 -22.74 -2.70
CA SER B 471 28.58 -22.57 -2.47
C SER B 471 27.97 -23.78 -1.78
N MET B 472 26.95 -23.52 -0.95
CA MET B 472 26.25 -24.55 -0.19
C MET B 472 25.00 -25.07 -0.90
N TRP B 473 24.78 -24.71 -2.15
CA TRP B 473 23.67 -25.20 -2.95
C TRP B 473 24.21 -25.82 -4.23
N VAL B 474 23.35 -26.62 -4.88
CA VAL B 474 23.68 -27.28 -6.14
C VAL B 474 22.52 -27.08 -7.11
N THR B 475 22.78 -27.40 -8.38
CA THR B 475 21.83 -27.18 -9.47
C THR B 475 21.36 -28.52 -10.00
N ASN B 476 20.08 -28.82 -9.82
CA ASN B 476 19.56 -30.12 -10.22
C ASN B 476 19.18 -30.11 -11.70
N LEU B 477 18.63 -31.23 -12.17
CA LEU B 477 18.29 -31.40 -13.57
C LEU B 477 17.13 -30.50 -14.00
N LYS B 478 16.38 -29.96 -13.05
CA LYS B 478 15.30 -29.01 -13.32
C LYS B 478 15.80 -27.57 -13.36
N HIS B 479 17.11 -27.36 -13.24
CA HIS B 479 17.72 -26.04 -13.18
C HIS B 479 17.27 -25.26 -11.94
N GLU B 480 16.91 -25.98 -10.88
CA GLU B 480 16.57 -25.42 -9.58
C GLU B 480 17.78 -25.42 -8.67
N PRO B 481 18.13 -24.31 -8.04
CA PRO B 481 19.09 -24.35 -6.93
C PRO B 481 18.45 -25.01 -5.72
N ILE B 482 19.13 -26.01 -5.16
CA ILE B 482 18.66 -26.68 -3.95
C ILE B 482 19.80 -26.70 -2.94
N GLY B 483 19.47 -26.37 -1.69
CA GLY B 483 20.50 -26.23 -0.68
C GLY B 483 20.91 -27.56 -0.09
N VAL B 484 22.20 -27.64 0.25
CA VAL B 484 22.78 -28.83 0.87
C VAL B 484 23.65 -28.38 2.02
N ASN B 485 23.67 -29.18 3.09
CA ASN B 485 24.58 -28.95 4.19
C ASN B 485 25.95 -29.51 3.81
N PHE B 486 26.87 -29.53 4.77
CA PHE B 486 28.21 -30.02 4.48
C PHE B 486 28.21 -31.53 4.24
N PHE B 487 27.41 -32.28 5.00
CA PHE B 487 27.34 -33.73 4.84
C PHE B 487 26.86 -34.10 3.44
N GLU B 488 25.74 -33.51 3.00
CA GLU B 488 25.20 -33.82 1.69
C GLU B 488 26.16 -33.42 0.57
N LYS B 489 26.86 -32.30 0.73
CA LYS B 489 27.77 -31.83 -0.31
C LYS B 489 28.98 -32.75 -0.44
N PHE B 490 29.64 -33.03 0.69
CA PHE B 490 30.73 -34.00 0.72
C PHE B 490 30.28 -35.34 0.12
N ALA B 491 29.05 -35.75 0.41
CA ALA B 491 28.55 -37.01 -0.16
C ALA B 491 28.42 -36.91 -1.68
N LEU B 492 27.87 -35.79 -2.17
CA LEU B 492 27.71 -35.61 -3.61
C LEU B 492 29.06 -35.61 -4.33
N ARG B 493 30.12 -35.16 -3.65
CA ARG B 493 31.46 -35.22 -4.26
C ARG B 493 31.78 -36.60 -4.80
N TYR B 494 31.45 -37.64 -4.03
CA TYR B 494 31.86 -39.01 -4.35
C TYR B 494 30.82 -39.80 -5.10
N MET B 495 29.69 -39.20 -5.46
CA MET B 495 28.63 -39.98 -6.08
C MET B 495 28.83 -39.93 -7.59
N ASP B 496 29.30 -41.06 -8.10
CA ASP B 496 29.52 -41.40 -9.50
C ASP B 496 28.96 -42.81 -9.69
N GLY B 497 29.21 -43.41 -10.84
CA GLY B 497 28.76 -44.76 -11.04
C GLY B 497 29.53 -45.78 -10.20
N ARG B 498 30.46 -45.31 -9.38
CA ARG B 498 31.48 -46.17 -8.77
C ARG B 498 31.21 -46.50 -7.31
N ASN B 499 31.23 -45.50 -6.44
CA ASN B 499 31.25 -45.74 -5.00
C ASN B 499 29.89 -46.21 -4.49
N ASP B 500 29.87 -47.38 -3.84
CA ASP B 500 28.71 -47.87 -3.12
C ASP B 500 28.60 -47.15 -1.78
N LYS B 501 27.55 -47.49 -1.01
CA LYS B 501 27.25 -46.74 0.21
C LYS B 501 28.45 -46.69 1.15
N LYS B 502 29.09 -47.82 1.38
CA LYS B 502 30.22 -47.89 2.29
C LYS B 502 31.48 -47.26 1.71
N ALA B 503 31.57 -47.17 0.37
CA ALA B 503 32.67 -46.42 -0.21
C ALA B 503 32.46 -44.93 -0.05
N ILE B 504 31.21 -44.47 -0.19
CA ILE B 504 30.90 -43.06 0.01
C ILE B 504 31.13 -42.66 1.47
N ILE B 505 30.53 -43.42 2.40
CA ILE B 505 30.76 -43.19 3.82
C ILE B 505 32.25 -43.32 4.13
N GLU B 506 32.93 -44.25 3.47
CA GLU B 506 34.37 -44.40 3.65
C GLU B 506 35.12 -43.13 3.28
N ALA B 507 34.72 -42.48 2.20
CA ALA B 507 35.42 -41.26 1.76
C ALA B 507 35.03 -40.06 2.61
N ILE B 508 33.75 -39.97 3.01
CA ILE B 508 33.30 -38.90 3.89
C ILE B 508 33.98 -38.98 5.25
N LEU B 509 34.21 -40.19 5.75
CA LEU B 509 35.03 -40.36 6.95
C LEU B 509 36.44 -39.82 6.73
N GLY B 510 36.91 -39.81 5.49
CA GLY B 510 38.21 -39.21 5.21
C GLY B 510 38.21 -37.71 5.44
N HIS B 511 37.08 -37.06 5.12
CA HIS B 511 36.96 -35.63 5.36
C HIS B 511 36.76 -35.32 6.84
N VAL B 512 35.79 -35.99 7.49
CA VAL B 512 35.57 -35.73 8.91
C VAL B 512 36.81 -36.11 9.73
N GLU B 513 37.64 -36.99 9.19
CA GLU B 513 38.91 -37.32 9.85
C GLU B 513 39.77 -36.06 10.01
N LYS B 514 40.05 -35.39 8.90
CA LYS B 514 40.76 -34.12 8.88
C LYS B 514 39.81 -32.93 8.97
N GLY B 515 38.52 -33.17 9.26
CA GLY B 515 37.45 -32.20 9.09
C GLY B 515 37.62 -30.79 9.59
N GLU B 516 37.12 -29.76 8.90
CA GLU B 516 36.44 -29.72 7.57
C GLU B 516 35.01 -30.28 7.50
N LEU B 517 34.67 -31.19 8.41
CA LEU B 517 33.32 -31.72 8.53
C LEU B 517 33.09 -32.03 9.99
N THR B 518 31.98 -31.54 10.55
CA THR B 518 31.68 -31.77 11.96
C THR B 518 30.24 -32.23 12.05
N LEU B 519 30.04 -33.48 12.49
CA LEU B 519 28.70 -33.95 12.75
C LEU B 519 28.28 -33.56 14.16
N SER B 520 27.00 -33.83 14.46
CA SER B 520 26.41 -33.41 15.73
C SER B 520 25.58 -34.50 16.40
N ARG B 521 24.57 -35.00 15.69
CA ARG B 521 23.34 -35.56 16.28
C ARG B 521 22.72 -34.37 16.99
N GLU B 522 22.40 -34.46 18.26
CA GLU B 522 22.10 -33.23 18.97
C GLU B 522 22.79 -33.10 20.33
N GLY B 523 23.68 -32.12 20.47
CA GLY B 523 24.13 -31.27 19.37
C GLY B 523 25.57 -30.85 19.64
N GLN B 524 26.29 -30.49 18.57
CA GLN B 524 27.74 -30.26 18.63
C GLN B 524 28.47 -31.43 19.32
N LYS B 525 28.01 -32.65 19.03
CA LYS B 525 28.49 -33.86 19.70
C LYS B 525 29.07 -34.81 18.66
N ILE B 526 30.38 -35.01 18.72
CA ILE B 526 31.01 -36.11 18.00
C ILE B 526 32.07 -36.71 18.91
N GLU B 527 31.89 -37.98 19.27
CA GLU B 527 32.98 -38.70 19.92
C GLU B 527 33.52 -39.70 18.90
N ASN B 528 34.50 -39.24 18.10
CA ASN B 528 35.60 -39.96 17.48
C ASN B 528 35.20 -41.23 16.72
N LYS B 529 34.11 -41.89 17.10
CA LYS B 529 33.76 -43.14 16.42
C LYS B 529 32.26 -43.37 16.26
N GLU B 530 31.60 -43.63 17.39
CA GLU B 530 30.21 -44.08 17.41
C GLU B 530 29.20 -42.93 17.52
N GLU B 531 29.66 -41.71 17.77
CA GLU B 531 28.82 -40.57 17.43
C GLU B 531 28.90 -40.25 15.95
N ILE B 532 29.75 -40.99 15.23
CA ILE B 532 29.81 -40.98 13.78
C ILE B 532 29.55 -42.43 13.34
N ARG B 533 29.46 -42.64 12.03
CA ARG B 533 29.51 -43.95 11.41
C ARG B 533 28.26 -44.78 11.71
N LYS B 534 27.60 -44.54 12.84
CA LYS B 534 26.17 -44.82 12.97
C LYS B 534 25.30 -43.62 12.61
N GLU B 535 25.68 -42.43 13.08
CA GLU B 535 24.94 -41.21 12.73
C GLU B 535 24.96 -40.97 11.23
N LEU B 536 26.06 -41.37 10.58
CA LEU B 536 26.11 -41.42 9.12
C LEU B 536 24.99 -42.30 8.57
N GLU B 537 24.97 -43.59 8.94
CA GLU B 537 23.95 -44.51 8.44
C GLU B 537 22.54 -44.00 8.69
N SER B 538 22.33 -43.30 9.81
CA SER B 538 21.05 -42.64 10.05
C SER B 538 20.83 -41.47 9.12
N LEU B 539 21.90 -40.83 8.63
CA LEU B 539 21.80 -39.74 7.66
C LEU B 539 21.70 -40.21 6.21
N PHE B 540 22.10 -41.45 5.89
CA PHE B 540 22.39 -41.81 4.51
C PHE B 540 21.13 -42.10 3.71
N THR B 541 20.24 -42.94 4.24
CA THR B 541 19.01 -43.25 3.50
C THR B 541 18.15 -42.01 3.27
N PRO B 542 17.87 -41.15 4.27
CA PRO B 542 17.12 -39.93 3.97
C PRO B 542 17.83 -39.04 2.97
N MET B 543 19.16 -39.07 2.94
CA MET B 543 19.90 -38.28 1.96
C MET B 543 19.65 -38.79 0.55
N ILE B 544 19.69 -40.10 0.35
CA ILE B 544 19.42 -40.67 -0.96
C ILE B 544 17.98 -40.41 -1.38
N GLU B 545 17.04 -40.49 -0.43
CA GLU B 545 15.65 -40.13 -0.72
C GLU B 545 15.55 -38.67 -1.17
N LYS B 546 16.24 -37.77 -0.46
CA LYS B 546 16.21 -36.35 -0.80
C LYS B 546 16.77 -36.09 -2.19
N PHE B 547 17.94 -36.66 -2.49
CA PHE B 547 18.52 -36.51 -3.82
C PHE B 547 17.61 -37.12 -4.89
N CYS B 548 16.93 -38.22 -4.56
CA CYS B 548 16.03 -38.86 -5.52
C CYS B 548 14.85 -37.97 -5.86
N SER B 549 14.16 -37.45 -4.85
CA SER B 549 12.97 -36.64 -5.12
C SER B 549 13.29 -35.24 -5.60
N ASN B 550 14.52 -34.76 -5.41
CA ASN B 550 14.92 -33.42 -5.84
C ASN B 550 15.61 -33.41 -7.19
N ALA B 551 15.63 -34.53 -7.91
CA ALA B 551 16.19 -34.63 -9.25
C ALA B 551 17.69 -34.38 -9.26
N LEU B 552 18.38 -34.81 -8.21
CA LEU B 552 19.83 -34.76 -8.16
C LEU B 552 20.48 -36.09 -8.52
N LEU B 553 19.69 -37.11 -8.86
CA LEU B 553 20.21 -38.43 -9.17
C LEU B 553 19.88 -38.79 -10.62
N VAL B 554 20.88 -39.29 -11.33
CA VAL B 554 20.72 -39.72 -12.72
C VAL B 554 20.22 -41.17 -12.79
#